data_1FVO
#
_entry.id   1FVO
#
_cell.length_a   203.426
_cell.length_b   203.426
_cell.length_c   203.426
_cell.angle_alpha   90.00
_cell.angle_beta   90.00
_cell.angle_gamma   90.00
#
_symmetry.space_group_name_H-M   'I 2 3'
#
loop_
_entity.id
_entity.type
_entity.pdbx_description
1 polymer 'ORNITHINE TRANSCARBAMYLASE'
2 non-polymer 'PHOSPHORIC ACID MONO(FORMAMIDE)ESTER'
3 water water
#
_entity_poly.entity_id   1
_entity_poly.type   'polypeptide(L)'
_entity_poly.pdbx_seq_one_letter_code
;KVQLKGRDLLTLKNFTGEEIKYMLWLSADLKFRIKQKGEYLPLLQGKSLGMIFEKRSTRTRLSTETGFALLGGHPCFLTT
QDIHLGVNESLTDTARVLSSMADAVLARVYKQSDLDTLAKEASIPIINGLSDLYHPIQILADYLTLQEHYSSLKGLTLSW
IGDGNNILHSIMMSAAKFGMHLQAATPKGYEPDASVTKLAEQYAKENGTKLLLTNDPLEAAHGGNVLITDTWISMGREEE
KKKRLQAFQGYQVTMKTAKVAASDWTFLHCLPRKPEEVDDEVFYSPRSLVFPEAENRKWTIMAVMVSLLTDYSPQLQKPK
F
;
_entity_poly.pdbx_strand_id   A,B
#
# COMPACT_ATOMS: atom_id res chain seq x y z
N LYS A 1 15.97 2.62 11.44
CA LYS A 1 17.06 3.42 12.08
C LYS A 1 16.56 4.85 12.34
N VAL A 2 15.28 5.08 12.06
CA VAL A 2 14.65 6.38 12.26
C VAL A 2 13.76 6.37 13.51
N GLN A 3 14.08 7.23 14.46
CA GLN A 3 13.30 7.32 15.70
C GLN A 3 12.63 8.67 15.82
N LEU A 4 11.38 8.75 15.38
CA LEU A 4 10.65 10.02 15.45
C LEU A 4 9.73 10.11 16.64
N LYS A 5 9.32 8.97 17.18
CA LYS A 5 8.39 8.97 18.30
C LYS A 5 8.74 9.97 19.40
N GLY A 6 7.77 10.79 19.76
CA GLY A 6 7.96 11.76 20.82
C GLY A 6 8.54 13.11 20.46
N ARG A 7 8.93 13.29 19.20
CA ARG A 7 9.51 14.56 18.76
C ARG A 7 8.49 15.58 18.33
N ASP A 8 8.88 16.86 18.33
CA ASP A 8 8.00 17.93 17.89
C ASP A 8 8.26 18.14 16.40
N LEU A 9 7.26 18.68 15.70
CA LEU A 9 7.44 19.01 14.30
C LEU A 9 7.13 20.50 14.23
N LEU A 10 8.13 21.30 14.56
CA LEU A 10 8.00 22.75 14.54
C LEU A 10 8.49 23.32 13.22
N THR A 11 9.43 22.63 12.60
CA THR A 11 9.99 23.03 11.31
C THR A 11 10.88 21.93 10.74
N LEU A 12 10.86 21.79 9.43
CA LEU A 12 11.65 20.77 8.76
C LEU A 12 13.16 20.99 8.93
N LYS A 13 13.53 22.16 9.46
CA LYS A 13 14.93 22.49 9.69
C LYS A 13 15.65 21.44 10.54
N ASN A 14 14.94 20.87 11.50
CA ASN A 14 15.52 19.89 12.41
C ASN A 14 15.43 18.43 11.98
N PHE A 15 14.95 18.16 10.78
CA PHE A 15 14.81 16.78 10.33
C PHE A 15 15.77 16.48 9.18
N THR A 16 16.37 15.31 9.18
CA THR A 16 17.29 14.96 8.12
C THR A 16 16.45 14.44 6.96
N GLY A 17 17.04 14.38 5.78
CA GLY A 17 16.30 13.91 4.64
C GLY A 17 15.79 12.50 4.88
N GLU A 18 16.57 11.71 5.60
CA GLU A 18 16.20 10.34 5.86
C GLU A 18 14.92 10.28 6.69
N GLU A 19 14.78 11.22 7.61
CA GLU A 19 13.60 11.29 8.48
C GLU A 19 12.37 11.83 7.73
N ILE A 20 12.56 12.86 6.91
CA ILE A 20 11.44 13.38 6.16
C ILE A 20 10.98 12.29 5.19
N LYS A 21 11.92 11.50 4.71
CA LYS A 21 11.60 10.42 3.78
C LYS A 21 10.78 9.34 4.48
N TYR A 22 11.07 9.11 5.75
CA TYR A 22 10.33 8.11 6.51
C TYR A 22 8.86 8.51 6.58
N MET A 23 8.63 9.80 6.83
CA MET A 23 7.27 10.32 6.92
C MET A 23 6.49 10.21 5.62
N LEU A 24 7.13 10.45 4.48
CA LEU A 24 6.42 10.35 3.21
C LEU A 24 6.14 8.90 2.92
N TRP A 25 7.07 8.04 3.34
CA TRP A 25 6.95 6.61 3.15
C TRP A 25 5.74 6.12 3.93
N LEU A 26 5.63 6.58 5.18
CA LEU A 26 4.51 6.22 6.04
C LEU A 26 3.23 6.77 5.42
N SER A 27 3.32 7.94 4.80
CA SER A 27 2.16 8.56 4.15
C SER A 27 1.63 7.67 3.04
N ALA A 28 2.56 7.14 2.24
CA ALA A 28 2.21 6.26 1.14
C ALA A 28 1.60 4.97 1.68
N ASP A 29 2.25 4.42 2.71
CA ASP A 29 1.77 3.19 3.33
C ASP A 29 0.32 3.33 3.78
N LEU A 30 0.06 4.34 4.62
CA LEU A 30 -1.28 4.59 5.12
C LEU A 30 -2.29 4.81 4.00
N LYS A 31 -1.92 5.57 2.98
CA LYS A 31 -2.82 5.82 1.87
C LYS A 31 -3.15 4.52 1.13
N PHE A 32 -2.15 3.66 1.00
CA PHE A 32 -2.33 2.40 0.30
C PHE A 32 -3.30 1.49 1.03
N ARG A 33 -3.04 1.27 2.31
CA ARG A 33 -3.86 0.40 3.13
C ARG A 33 -5.31 0.85 3.35
N ILE A 34 -5.49 2.15 3.53
CA ILE A 34 -6.81 2.69 3.77
C ILE A 34 -7.58 3.03 2.52
N LYS A 35 -6.98 3.84 1.65
CA LYS A 35 -7.64 4.26 0.42
C LYS A 35 -7.74 3.16 -0.65
N GLN A 36 -6.69 2.37 -0.81
CA GLN A 36 -6.71 1.33 -1.82
C GLN A 36 -7.19 -0.05 -1.35
N LYS A 37 -6.63 -0.53 -0.26
CA LYS A 37 -7.01 -1.83 0.29
C LYS A 37 -8.29 -1.77 1.15
N GLY A 38 -8.67 -0.55 1.55
CA GLY A 38 -9.88 -0.36 2.35
C GLY A 38 -9.85 -0.81 3.81
N GLU A 39 -8.66 -1.07 4.35
CA GLU A 39 -8.53 -1.51 5.74
C GLU A 39 -8.84 -0.41 6.74
N TYR A 40 -9.15 -0.83 7.98
CA TYR A 40 -9.41 0.09 9.07
C TYR A 40 -8.26 -0.11 10.07
N LEU A 41 -7.49 0.94 10.32
CA LEU A 41 -6.35 0.87 11.22
C LEU A 41 -6.45 1.82 12.40
N PRO A 42 -6.95 1.34 13.54
CA PRO A 42 -7.11 2.15 14.76
C PRO A 42 -5.79 2.39 15.50
N LEU A 43 -4.79 2.87 14.77
CA LEU A 43 -3.46 3.13 15.33
C LEU A 43 -3.44 4.18 16.43
N LEU A 44 -4.43 5.07 16.44
CA LEU A 44 -4.47 6.12 17.44
C LEU A 44 -5.61 5.96 18.43
N GLN A 45 -6.12 4.75 18.53
CA GLN A 45 -7.21 4.48 19.46
C GLN A 45 -6.76 4.87 20.86
N GLY A 46 -7.64 5.50 21.63
CA GLY A 46 -7.26 5.91 22.98
C GLY A 46 -6.45 7.19 23.06
N LYS A 47 -6.15 7.82 21.92
CA LYS A 47 -5.37 9.05 21.92
C LYS A 47 -6.26 10.25 21.61
N SER A 48 -5.82 11.44 22.00
CA SER A 48 -6.55 12.66 21.71
C SER A 48 -5.58 13.70 21.21
N LEU A 49 -6.09 14.66 20.45
CA LEU A 49 -5.28 15.71 19.88
C LEU A 49 -5.90 17.06 20.15
N GLY A 50 -5.09 18.00 20.63
CA GLY A 50 -5.57 19.34 20.88
C GLY A 50 -5.23 20.19 19.67
N MET A 51 -6.24 20.68 18.96
CA MET A 51 -5.99 21.50 17.79
C MET A 51 -6.32 22.94 18.15
N ILE A 52 -5.28 23.75 18.34
CA ILE A 52 -5.46 25.14 18.69
C ILE A 52 -5.28 26.00 17.44
N PHE A 53 -6.35 26.68 17.04
CA PHE A 53 -6.30 27.55 15.87
C PHE A 53 -6.54 29.02 16.22
N GLU A 54 -5.59 29.89 15.90
CA GLU A 54 -5.75 31.32 16.15
C GLU A 54 -6.29 31.98 14.88
N LYS A 55 -6.28 31.23 13.77
CA LYS A 55 -6.76 31.74 12.49
C LYS A 55 -7.68 30.74 11.82
N ARG A 56 -8.41 31.20 10.80
CA ARG A 56 -9.33 30.34 10.06
C ARG A 56 -8.57 29.17 9.48
N SER A 57 -9.29 28.30 8.79
CA SER A 57 -8.71 27.12 8.17
C SER A 57 -9.83 26.20 7.70
N THR A 58 -9.44 25.26 6.87
CA THR A 58 -10.37 24.30 6.32
C THR A 58 -9.48 23.13 5.92
N ARG A 59 -8.50 23.42 5.08
CA ARG A 59 -7.57 22.41 4.61
C ARG A 59 -6.92 21.73 5.81
N THR A 60 -6.34 22.53 6.71
CA THR A 60 -5.66 21.98 7.87
C THR A 60 -6.63 21.38 8.90
N ARG A 61 -7.72 22.09 9.15
CA ARG A 61 -8.74 21.66 10.08
C ARG A 61 -9.34 20.31 9.63
N LEU A 62 -9.88 20.29 8.41
CA LEU A 62 -10.49 19.09 7.86
C LEU A 62 -9.56 17.90 7.75
N SER A 63 -8.42 18.10 7.11
CA SER A 63 -7.45 17.04 6.94
C SER A 63 -7.01 16.49 8.30
N THR A 64 -6.67 17.39 9.23
CA THR A 64 -6.24 16.96 10.55
C THR A 64 -7.37 16.30 11.37
N GLU A 65 -8.57 16.84 11.29
CA GLU A 65 -9.67 16.28 12.06
C GLU A 65 -10.12 14.91 11.55
N THR A 66 -10.37 14.79 10.25
CA THR A 66 -10.82 13.53 9.70
C THR A 66 -9.69 12.51 9.75
N GLY A 67 -8.46 12.99 9.59
CA GLY A 67 -7.30 12.11 9.60
C GLY A 67 -7.06 11.46 10.95
N PHE A 68 -7.10 12.26 12.00
CA PHE A 68 -6.88 11.75 13.34
C PHE A 68 -8.00 10.77 13.74
N ALA A 69 -9.24 11.11 13.39
CA ALA A 69 -10.38 10.27 13.72
C ALA A 69 -10.36 8.98 12.92
N LEU A 70 -9.85 9.04 11.70
CA LEU A 70 -9.82 7.86 10.84
C LEU A 70 -8.96 6.75 11.42
N LEU A 71 -8.00 7.12 12.26
CA LEU A 71 -7.12 6.16 12.90
C LEU A 71 -7.56 5.83 14.33
N GLY A 72 -8.79 6.24 14.67
CA GLY A 72 -9.36 5.95 15.98
C GLY A 72 -9.13 6.90 17.13
N GLY A 73 -8.48 8.04 16.88
CA GLY A 73 -8.25 8.98 17.97
C GLY A 73 -9.31 10.06 17.98
N HIS A 74 -9.33 10.90 19.01
CA HIS A 74 -10.31 11.96 19.07
C HIS A 74 -9.68 13.33 18.90
N PRO A 75 -10.06 14.05 17.85
CA PRO A 75 -9.53 15.39 17.56
C PRO A 75 -10.34 16.41 18.33
N CYS A 76 -9.67 17.31 19.01
CA CYS A 76 -10.34 18.32 19.80
C CYS A 76 -10.05 19.70 19.23
N PHE A 77 -11.07 20.32 18.64
CA PHE A 77 -10.95 21.62 17.99
C PHE A 77 -11.12 22.82 18.93
N LEU A 78 -10.08 23.63 19.05
CA LEU A 78 -10.14 24.80 19.93
C LEU A 78 -9.78 26.08 19.18
N THR A 79 -10.40 27.19 19.59
CA THR A 79 -10.14 28.48 18.97
C THR A 79 -9.82 29.51 20.05
N THR A 80 -9.80 30.79 19.67
CA THR A 80 -9.50 31.87 20.60
C THR A 80 -10.63 32.10 21.62
N GLN A 81 -11.85 31.73 21.28
CA GLN A 81 -12.97 31.89 22.21
C GLN A 81 -12.99 30.74 23.19
N ASP A 82 -12.23 29.68 22.90
CA ASP A 82 -12.16 28.51 23.77
C ASP A 82 -10.98 28.63 24.72
N ILE A 83 -9.78 28.58 24.17
CA ILE A 83 -8.59 28.71 24.99
C ILE A 83 -8.71 29.96 25.84
N HIS A 84 -7.83 30.08 26.83
CA HIS A 84 -7.78 31.24 27.69
C HIS A 84 -6.48 31.94 27.27
N LEU A 85 -5.74 31.29 26.37
CA LEU A 85 -4.46 31.80 25.87
C LEU A 85 -4.51 33.26 25.46
N GLY A 86 -3.61 34.04 26.04
CA GLY A 86 -3.53 35.46 25.75
C GLY A 86 -4.40 36.32 26.65
N VAL A 87 -5.64 35.90 26.85
CA VAL A 87 -6.61 36.65 27.67
C VAL A 87 -6.55 36.38 29.18
N ASN A 88 -6.86 35.15 29.58
CA ASN A 88 -6.86 34.80 31.00
C ASN A 88 -5.78 33.83 31.47
N GLU A 89 -4.81 33.51 30.61
CA GLU A 89 -3.79 32.55 31.04
C GLU A 89 -2.42 32.63 30.35
N SER A 90 -1.37 32.31 31.10
CA SER A 90 -0.02 32.33 30.57
C SER A 90 0.16 31.22 29.54
N LEU A 91 1.40 30.98 29.13
CA LEU A 91 1.67 29.94 28.14
C LEU A 91 2.26 28.73 28.82
N THR A 92 3.08 28.97 29.82
CA THR A 92 3.70 27.87 30.57
C THR A 92 2.63 27.05 31.28
N ASP A 93 1.58 27.72 31.75
CA ASP A 93 0.50 27.04 32.44
C ASP A 93 -0.36 26.24 31.46
N THR A 94 -0.60 26.81 30.28
CA THR A 94 -1.40 26.12 29.27
C THR A 94 -0.70 24.88 28.71
N ALA A 95 0.61 24.97 28.55
CA ALA A 95 1.37 23.83 28.03
C ALA A 95 1.29 22.66 29.00
N ARG A 96 1.22 22.97 30.29
CA ARG A 96 1.17 21.92 31.30
C ARG A 96 -0.18 21.26 31.40
N VAL A 97 -1.25 22.04 31.28
CA VAL A 97 -2.61 21.50 31.34
C VAL A 97 -2.84 20.61 30.12
N LEU A 98 -2.47 21.11 28.95
CA LEU A 98 -2.62 20.35 27.71
C LEU A 98 -1.81 19.07 27.78
N SER A 99 -0.61 19.15 28.33
CA SER A 99 0.27 17.98 28.42
C SER A 99 -0.29 16.86 29.26
N SER A 100 -1.27 17.16 30.11
CA SER A 100 -1.86 16.12 30.94
C SER A 100 -3.21 15.68 30.38
N MET A 101 -3.74 16.43 29.43
CA MET A 101 -5.02 16.09 28.87
C MET A 101 -5.08 15.61 27.42
N ALA A 102 -4.03 15.86 26.64
CA ALA A 102 -4.01 15.40 25.26
C ALA A 102 -2.70 14.67 25.01
N ASP A 103 -2.64 13.91 23.91
CA ASP A 103 -1.42 13.18 23.59
C ASP A 103 -0.53 13.96 22.64
N ALA A 104 -1.06 15.02 22.07
CA ALA A 104 -0.30 15.87 21.16
C ALA A 104 -1.11 17.11 20.84
N VAL A 105 -0.42 18.16 20.39
CA VAL A 105 -1.09 19.39 20.04
C VAL A 105 -0.68 19.86 18.63
N LEU A 106 -1.66 20.32 17.86
CA LEU A 106 -1.36 20.87 16.55
C LEU A 106 -1.81 22.32 16.69
N ALA A 107 -0.87 23.25 16.51
CA ALA A 107 -1.20 24.65 16.67
C ALA A 107 -0.93 25.54 15.45
N ARG A 108 -1.92 26.35 15.11
CA ARG A 108 -1.77 27.29 14.01
C ARG A 108 -1.73 28.63 14.74
N VAL A 109 -0.54 29.18 14.89
CA VAL A 109 -0.36 30.43 15.61
C VAL A 109 0.24 31.51 14.72
N TYR A 110 0.24 32.74 15.22
CA TYR A 110 0.81 33.85 14.48
C TYR A 110 2.33 33.87 14.66
N LYS A 111 2.80 33.65 15.88
CA LYS A 111 4.23 33.67 16.17
C LYS A 111 4.90 32.32 16.33
N GLN A 112 6.02 32.12 15.64
CA GLN A 112 6.77 30.89 15.70
C GLN A 112 7.36 30.73 17.11
N SER A 113 7.67 31.86 17.74
CA SER A 113 8.23 31.86 19.09
C SER A 113 7.26 31.22 20.08
N ASP A 114 5.95 31.42 19.84
CA ASP A 114 4.93 30.84 20.71
C ASP A 114 5.00 29.31 20.67
N LEU A 115 5.28 28.76 19.48
CA LEU A 115 5.40 27.32 19.33
C LEU A 115 6.65 26.84 20.06
N ASP A 116 7.69 27.67 20.04
CA ASP A 116 8.92 27.29 20.72
C ASP A 116 8.69 27.24 22.22
N THR A 117 8.02 28.25 22.74
CA THR A 117 7.74 28.29 24.17
C THR A 117 6.89 27.09 24.54
N LEU A 118 5.80 26.93 23.81
CA LEU A 118 4.87 25.84 23.99
C LEU A 118 5.58 24.49 24.09
N ALA A 119 6.49 24.24 23.15
CA ALA A 119 7.23 22.98 23.11
C ALA A 119 8.19 22.83 24.29
N LYS A 120 8.79 23.95 24.70
CA LYS A 120 9.73 23.97 25.81
C LYS A 120 9.06 23.50 27.10
N GLU A 121 7.82 23.94 27.30
CA GLU A 121 7.04 23.62 28.47
C GLU A 121 6.19 22.35 28.38
N ALA A 122 5.63 22.06 27.21
CA ALA A 122 4.80 20.88 27.04
C ALA A 122 5.66 19.62 27.03
N SER A 123 5.07 18.50 27.46
CA SER A 123 5.80 17.24 27.49
C SER A 123 5.19 16.26 26.51
N ILE A 124 4.39 16.78 25.59
CA ILE A 124 3.77 15.99 24.53
C ILE A 124 4.17 16.68 23.23
N PRO A 125 4.20 15.94 22.11
CA PRO A 125 4.59 16.53 20.83
C PRO A 125 3.79 17.74 20.40
N ILE A 126 4.48 18.72 19.82
CA ILE A 126 3.85 19.92 19.30
C ILE A 126 4.08 19.92 17.79
N ILE A 127 3.00 20.04 17.03
CA ILE A 127 3.10 20.05 15.57
C ILE A 127 2.73 21.44 15.10
N ASN A 128 3.53 21.98 14.19
CA ASN A 128 3.26 23.30 13.63
C ASN A 128 2.14 23.20 12.58
N GLY A 129 1.00 23.83 12.85
CA GLY A 129 -0.11 23.77 11.91
C GLY A 129 -0.09 24.93 10.92
N LEU A 130 0.99 25.72 11.01
CA LEU A 130 1.26 26.91 10.19
C LEU A 130 1.58 28.08 11.10
N SER A 131 2.66 28.79 10.80
CA SER A 131 3.07 29.95 11.57
C SER A 131 3.63 30.99 10.61
N ASP A 132 4.10 32.11 11.14
CA ASP A 132 4.65 33.18 10.34
C ASP A 132 5.91 32.73 9.58
N LEU A 133 6.76 31.96 10.25
CA LEU A 133 7.99 31.45 9.67
C LEU A 133 7.89 30.22 8.78
N TYR A 134 7.14 29.20 9.20
CA TYR A 134 7.03 27.98 8.41
C TYR A 134 5.67 27.34 8.29
N HIS A 135 5.60 26.37 7.39
CA HIS A 135 4.38 25.61 7.16
C HIS A 135 4.82 24.24 6.66
N PRO A 136 5.65 23.53 7.45
CA PRO A 136 6.15 22.22 7.05
C PRO A 136 5.16 21.15 6.64
N ILE A 137 3.99 21.09 7.29
CA ILE A 137 3.06 20.04 6.88
C ILE A 137 2.57 20.27 5.46
N GLN A 138 2.62 21.50 4.98
CA GLN A 138 2.19 21.78 3.61
C GLN A 138 3.20 21.14 2.66
N ILE A 139 4.50 21.28 2.96
CA ILE A 139 5.54 20.71 2.12
C ILE A 139 5.48 19.19 2.08
N LEU A 140 5.12 18.55 3.20
CA LEU A 140 5.03 17.10 3.19
C LEU A 140 4.03 16.66 2.11
N ALA A 141 2.89 17.35 2.06
CA ALA A 141 1.86 17.04 1.08
C ALA A 141 2.36 17.31 -0.34
N ASP A 142 3.12 18.39 -0.51
CA ASP A 142 3.64 18.72 -1.83
C ASP A 142 4.59 17.65 -2.37
N TYR A 143 5.58 17.28 -1.57
CA TYR A 143 6.56 16.28 -1.97
C TYR A 143 5.95 14.92 -2.26
N LEU A 144 5.00 14.50 -1.43
CA LEU A 144 4.37 13.21 -1.67
C LEU A 144 3.69 13.28 -3.04
N THR A 145 3.03 14.42 -3.31
CA THR A 145 2.34 14.60 -4.58
C THR A 145 3.30 14.58 -5.76
N LEU A 146 4.44 15.25 -5.60
CA LEU A 146 5.42 15.26 -6.67
C LEU A 146 5.96 13.84 -6.83
N GLN A 147 6.19 13.17 -5.71
CA GLN A 147 6.70 11.80 -5.75
C GLN A 147 5.71 10.93 -6.52
N GLU A 148 4.43 11.07 -6.22
CA GLU A 148 3.41 10.27 -6.91
C GLU A 148 3.32 10.63 -8.38
N HIS A 149 3.83 11.78 -8.77
CA HIS A 149 3.75 12.17 -10.17
C HIS A 149 4.98 11.78 -10.97
N TYR A 150 6.15 12.14 -10.46
CA TYR A 150 7.40 11.87 -11.16
C TYR A 150 8.09 10.55 -10.82
N SER A 151 7.57 9.82 -9.83
CA SER A 151 8.16 8.54 -9.44
C SER A 151 9.43 8.69 -8.61
N SER A 152 9.91 9.93 -8.51
CA SER A 152 11.10 10.21 -7.71
C SER A 152 11.14 11.73 -7.55
N LEU A 153 12.02 12.20 -6.70
CA LEU A 153 12.13 13.63 -6.46
C LEU A 153 13.48 14.19 -6.87
N LYS A 154 14.52 13.45 -6.52
CA LYS A 154 15.90 13.85 -6.80
C LYS A 154 16.13 14.35 -8.22
N GLY A 155 16.67 15.56 -8.34
CA GLY A 155 16.92 16.11 -9.66
C GLY A 155 15.91 17.14 -10.12
N LEU A 156 14.69 17.05 -9.63
CA LEU A 156 13.66 18.01 -10.01
C LEU A 156 14.09 19.42 -9.62
N THR A 157 13.64 20.39 -10.40
CA THR A 157 13.94 21.79 -10.11
C THR A 157 12.61 22.43 -9.75
N LEU A 158 12.52 22.97 -8.54
CA LEU A 158 11.29 23.61 -8.11
C LEU A 158 11.41 25.11 -8.36
N SER A 159 10.39 25.69 -8.97
CA SER A 159 10.40 27.12 -9.25
C SER A 159 9.35 27.85 -8.42
N TRP A 160 9.80 28.64 -7.46
CA TRP A 160 8.87 29.39 -6.62
C TRP A 160 8.63 30.78 -7.18
N ILE A 161 7.36 31.15 -7.29
CA ILE A 161 7.00 32.46 -7.79
C ILE A 161 5.91 33.03 -6.89
N GLY A 162 6.31 33.95 -6.02
CA GLY A 162 5.38 34.57 -5.11
C GLY A 162 6.09 35.33 -4.01
N ASP A 163 5.42 35.41 -2.86
CA ASP A 163 5.95 36.12 -1.71
C ASP A 163 7.02 35.29 -1.00
N GLY A 164 7.82 35.96 -0.17
CA GLY A 164 8.86 35.27 0.57
C GLY A 164 8.29 34.87 1.92
N ASN A 165 7.28 33.99 1.90
CA ASN A 165 6.58 33.52 3.09
C ASN A 165 7.03 32.21 3.72
N ASN A 166 6.13 31.66 4.54
CA ASN A 166 6.35 30.43 5.26
C ASN A 166 6.49 29.19 4.37
N ILE A 167 5.70 29.12 3.30
CA ILE A 167 5.79 27.99 2.39
C ILE A 167 7.21 27.88 1.81
N LEU A 168 7.72 29.00 1.29
CA LEU A 168 9.07 29.02 0.71
C LEU A 168 10.14 28.66 1.72
N HIS A 169 10.01 29.18 2.95
CA HIS A 169 10.97 28.87 4.00
C HIS A 169 11.00 27.37 4.25
N SER A 170 9.82 26.76 4.28
CA SER A 170 9.74 25.32 4.50
C SER A 170 10.31 24.59 3.30
N ILE A 171 10.11 25.13 2.09
CA ILE A 171 10.67 24.49 0.91
C ILE A 171 12.19 24.59 1.01
N MET A 172 12.68 25.76 1.42
CA MET A 172 14.12 25.97 1.55
C MET A 172 14.74 25.03 2.59
N MET A 173 14.00 24.78 3.66
CA MET A 173 14.48 23.91 4.72
C MET A 173 14.46 22.43 4.36
N SER A 174 13.94 22.09 3.18
CA SER A 174 13.84 20.67 2.83
C SER A 174 14.19 20.19 1.42
N ALA A 175 14.03 21.05 0.43
CA ALA A 175 14.30 20.66 -0.95
C ALA A 175 15.68 20.04 -1.16
N ALA A 176 16.71 20.73 -0.73
CA ALA A 176 18.07 20.22 -0.89
C ALA A 176 18.25 18.82 -0.31
N LYS A 177 17.60 18.55 0.82
CA LYS A 177 17.73 17.24 1.44
C LYS A 177 17.19 16.11 0.58
N PHE A 178 16.42 16.45 -0.46
CA PHE A 178 15.88 15.44 -1.35
C PHE A 178 16.62 15.50 -2.68
N GLY A 179 17.65 16.34 -2.72
CA GLY A 179 18.43 16.48 -3.94
C GLY A 179 17.72 17.29 -4.99
N MET A 180 16.80 18.16 -4.56
CA MET A 180 16.05 19.00 -5.50
C MET A 180 16.63 20.42 -5.58
N HIS A 181 16.50 21.04 -6.75
CA HIS A 181 17.00 22.39 -6.95
C HIS A 181 15.89 23.39 -6.72
N LEU A 182 16.25 24.57 -6.22
CA LEU A 182 15.28 25.61 -5.93
C LEU A 182 15.61 26.94 -6.59
N GLN A 183 14.71 27.43 -7.43
CA GLN A 183 14.88 28.73 -8.09
C GLN A 183 13.66 29.52 -7.61
N ALA A 184 13.90 30.59 -6.86
CA ALA A 184 12.80 31.37 -6.31
C ALA A 184 12.80 32.83 -6.70
N ALA A 185 11.62 33.33 -7.04
CA ALA A 185 11.44 34.72 -7.42
C ALA A 185 10.49 35.40 -6.44
N THR A 186 10.91 36.54 -5.92
CA THR A 186 10.08 37.31 -4.98
C THR A 186 10.35 38.78 -5.28
N PRO A 187 9.32 39.63 -5.18
CA PRO A 187 9.52 41.05 -5.45
C PRO A 187 10.56 41.63 -4.52
N LYS A 188 11.17 42.74 -4.91
CA LYS A 188 12.18 43.37 -4.06
C LYS A 188 11.48 43.87 -2.81
N GLY A 189 12.02 43.54 -1.64
CA GLY A 189 11.40 43.97 -0.41
C GLY A 189 10.54 42.88 0.20
N TYR A 190 10.36 41.78 -0.54
CA TYR A 190 9.56 40.66 -0.06
C TYR A 190 10.42 39.40 -0.12
N GLU A 191 11.71 39.57 0.15
CA GLU A 191 12.64 38.45 0.13
C GLU A 191 12.39 37.50 1.30
N PRO A 192 12.76 36.22 1.14
CA PRO A 192 12.55 35.31 2.26
C PRO A 192 13.48 35.72 3.40
N ASP A 193 13.20 35.26 4.61
CA ASP A 193 14.00 35.59 5.78
C ASP A 193 15.50 35.38 5.51
N ALA A 194 16.29 36.36 5.93
CA ALA A 194 17.73 36.32 5.73
C ALA A 194 18.44 35.11 6.33
N SER A 195 18.07 34.74 7.56
CA SER A 195 18.72 33.60 8.21
C SER A 195 18.27 32.27 7.65
N VAL A 196 17.03 32.22 7.15
CA VAL A 196 16.52 31.01 6.55
C VAL A 196 17.28 30.78 5.24
N THR A 197 17.36 31.84 4.44
CA THR A 197 18.05 31.81 3.16
C THR A 197 19.50 31.35 3.33
N LYS A 198 20.14 31.89 4.36
CA LYS A 198 21.53 31.58 4.69
C LYS A 198 21.73 30.10 4.96
N LEU A 199 20.69 29.47 5.50
CA LEU A 199 20.73 28.06 5.82
C LEU A 199 20.42 27.21 4.58
N ALA A 200 19.57 27.73 3.71
CA ALA A 200 19.22 27.01 2.49
C ALA A 200 20.45 26.88 1.60
N GLU A 201 21.30 27.90 1.62
CA GLU A 201 22.52 27.90 0.83
C GLU A 201 23.44 26.79 1.31
N GLN A 202 23.57 26.70 2.62
CA GLN A 202 24.40 25.68 3.22
C GLN A 202 23.88 24.28 2.89
N TYR A 203 22.56 24.13 2.87
CA TYR A 203 21.97 22.84 2.53
C TYR A 203 22.25 22.54 1.06
N ALA A 204 22.11 23.57 0.23
CA ALA A 204 22.34 23.43 -1.19
C ALA A 204 23.77 23.00 -1.42
N LYS A 205 24.67 23.56 -0.61
CA LYS A 205 26.08 23.25 -0.72
C LYS A 205 26.39 21.81 -0.27
N GLU A 206 25.81 21.39 0.85
CA GLU A 206 26.05 20.05 1.36
C GLU A 206 25.45 18.94 0.52
N ASN A 207 24.46 19.24 -0.30
CA ASN A 207 23.82 18.20 -1.12
C ASN A 207 24.08 18.34 -2.61
N GLY A 208 24.91 19.31 -2.96
CA GLY A 208 25.24 19.53 -4.36
C GLY A 208 24.01 19.82 -5.18
N THR A 209 23.27 20.83 -4.76
CA THR A 209 22.05 21.22 -5.44
C THR A 209 22.10 22.71 -5.70
N LYS A 210 21.28 23.18 -6.64
CA LYS A 210 21.24 24.59 -7.01
C LYS A 210 20.25 25.42 -6.19
N LEU A 211 20.63 26.66 -5.88
CA LEU A 211 19.77 27.57 -5.14
C LEU A 211 19.84 28.93 -5.81
N LEU A 212 18.79 29.30 -6.53
CA LEU A 212 18.77 30.58 -7.23
C LEU A 212 17.71 31.52 -6.69
N LEU A 213 18.15 32.72 -6.30
CA LEU A 213 17.24 33.74 -5.80
C LEU A 213 17.26 34.91 -6.79
N THR A 214 16.08 35.29 -7.27
CA THR A 214 15.95 36.37 -8.24
C THR A 214 14.64 37.13 -7.99
N ASN A 215 14.50 38.28 -8.62
CA ASN A 215 13.27 39.06 -8.50
C ASN A 215 12.51 38.91 -9.79
N ASP A 216 12.99 38.00 -10.65
CA ASP A 216 12.41 37.75 -11.96
C ASP A 216 11.57 36.46 -12.06
N PRO A 217 10.25 36.60 -12.22
CA PRO A 217 9.34 35.44 -12.33
C PRO A 217 9.80 34.46 -13.39
N LEU A 218 10.12 34.98 -14.57
CA LEU A 218 10.55 34.15 -15.69
C LEU A 218 11.93 33.54 -15.48
N GLU A 219 12.85 34.26 -14.85
CA GLU A 219 14.17 33.69 -14.63
C GLU A 219 14.07 32.48 -13.71
N ALA A 220 13.11 32.54 -12.78
CA ALA A 220 12.87 31.46 -11.81
C ALA A 220 12.16 30.27 -12.45
N ALA A 221 11.19 30.56 -13.31
CA ALA A 221 10.42 29.53 -13.99
C ALA A 221 11.27 28.79 -15.03
N HIS A 222 12.23 29.51 -15.59
CA HIS A 222 13.12 28.98 -16.62
C HIS A 222 13.79 27.65 -16.31
N GLY A 223 13.35 26.60 -16.99
CA GLY A 223 13.93 25.28 -16.78
C GLY A 223 13.36 24.50 -15.63
N GLY A 224 12.40 25.08 -14.91
CA GLY A 224 11.83 24.38 -13.78
C GLY A 224 10.85 23.27 -14.13
N ASN A 225 10.78 22.27 -13.28
CA ASN A 225 9.87 21.14 -13.46
C ASN A 225 8.55 21.41 -12.75
N VAL A 226 8.60 22.09 -11.62
CA VAL A 226 7.38 22.37 -10.87
C VAL A 226 7.24 23.85 -10.61
N LEU A 227 6.14 24.42 -11.08
CA LEU A 227 5.85 25.83 -10.86
C LEU A 227 5.00 25.90 -9.61
N ILE A 228 5.45 26.69 -8.63
CA ILE A 228 4.72 26.79 -7.39
C ILE A 228 4.46 28.23 -7.01
N THR A 229 3.20 28.54 -6.72
CA THR A 229 2.87 29.89 -6.30
C THR A 229 1.97 29.87 -5.08
N ASP A 230 1.50 31.03 -4.68
CA ASP A 230 0.67 31.12 -3.50
C ASP A 230 0.17 32.54 -3.34
N THR A 231 -1.08 32.67 -2.86
CA THR A 231 -1.72 33.96 -2.63
C THR A 231 -0.79 34.99 -2.00
N TRP A 232 -0.52 36.08 -2.71
CA TRP A 232 0.36 37.11 -2.19
C TRP A 232 -0.36 38.38 -1.73
N ILE A 233 -1.63 38.51 -2.07
CA ILE A 233 -2.41 39.68 -1.64
C ILE A 233 -2.80 39.51 -0.16
N SER A 234 -2.48 40.52 0.65
CA SER A 234 -2.75 40.50 2.09
C SER A 234 -4.22 40.66 2.46
N MET A 235 -4.63 39.92 3.49
CA MET A 235 -6.00 39.97 3.99
C MET A 235 -6.22 41.34 4.64
N GLY A 236 -5.12 42.07 4.83
CA GLY A 236 -5.22 43.39 5.43
C GLY A 236 -6.00 44.33 4.52
N ARG A 237 -7.32 44.29 4.64
CA ARG A 237 -8.20 45.13 3.84
C ARG A 237 -7.69 46.56 3.85
N GLU A 238 -7.32 47.07 2.68
CA GLU A 238 -6.79 48.42 2.58
C GLU A 238 -6.47 48.79 1.13
N GLU A 239 -6.96 49.96 0.69
CA GLU A 239 -6.69 50.42 -0.68
C GLU A 239 -5.23 50.88 -0.73
N GLU A 240 -4.48 50.54 0.31
CA GLU A 240 -3.07 50.88 0.42
C GLU A 240 -2.26 49.59 0.41
N LYS A 241 -2.96 48.47 0.24
CA LYS A 241 -2.34 47.15 0.16
C LYS A 241 -2.10 46.94 -1.33
N LYS A 242 -2.32 48.01 -2.09
CA LYS A 242 -2.13 48.00 -3.54
C LYS A 242 -0.65 47.79 -3.81
N LYS A 243 0.15 48.08 -2.78
CA LYS A 243 1.59 47.93 -2.83
C LYS A 243 1.93 46.54 -3.35
N ARG A 244 1.15 45.55 -2.90
CA ARG A 244 1.34 44.16 -3.31
C ARG A 244 0.83 43.91 -4.72
N LEU A 245 -0.15 44.71 -5.13
CA LEU A 245 -0.73 44.58 -6.47
C LEU A 245 0.22 45.28 -7.43
N GLN A 246 1.01 46.20 -6.88
CA GLN A 246 1.95 46.99 -7.64
C GLN A 246 3.36 46.38 -7.65
N ALA A 247 3.70 45.67 -6.56
CA ALA A 247 5.01 45.05 -6.45
C ALA A 247 4.99 43.68 -7.11
N PHE A 248 3.81 43.06 -7.16
CA PHE A 248 3.67 41.74 -7.75
C PHE A 248 3.19 41.73 -9.20
N GLN A 249 3.39 42.82 -9.92
CA GLN A 249 2.97 42.87 -11.32
C GLN A 249 3.90 41.97 -12.13
N GLY A 250 3.31 41.08 -12.91
CA GLY A 250 4.11 40.17 -13.72
C GLY A 250 4.34 38.83 -13.04
N TYR A 251 3.80 38.67 -11.83
CA TYR A 251 3.94 37.43 -11.08
C TYR A 251 2.85 36.39 -11.29
N GLN A 252 1.75 36.81 -11.91
CA GLN A 252 0.67 35.87 -12.18
C GLN A 252 1.18 34.76 -13.07
N VAL A 253 1.06 33.51 -12.62
CA VAL A 253 1.52 32.39 -13.41
C VAL A 253 0.51 32.08 -14.50
N THR A 254 0.98 32.11 -15.75
CA THR A 254 0.13 31.83 -16.89
C THR A 254 0.88 30.91 -17.83
N MET A 255 0.24 30.55 -18.94
CA MET A 255 0.90 29.68 -19.90
C MET A 255 2.17 30.35 -20.44
N LYS A 256 2.21 31.67 -20.35
CA LYS A 256 3.39 32.42 -20.79
C LYS A 256 4.55 32.01 -19.88
N THR A 257 4.28 31.97 -18.58
CA THR A 257 5.28 31.57 -17.59
C THR A 257 5.76 30.15 -17.86
N ALA A 258 4.83 29.27 -18.22
CA ALA A 258 5.15 27.87 -18.50
C ALA A 258 5.97 27.67 -19.77
N LYS A 259 5.84 28.62 -20.70
CA LYS A 259 6.55 28.57 -21.96
C LYS A 259 8.07 28.44 -21.78
N VAL A 260 8.58 29.00 -20.69
CA VAL A 260 10.00 28.96 -20.44
C VAL A 260 10.45 27.85 -19.48
N ALA A 261 9.52 27.05 -19.00
CA ALA A 261 9.86 25.96 -18.06
C ALA A 261 10.07 24.62 -18.76
N ALA A 262 10.55 23.64 -18.00
CA ALA A 262 10.77 22.30 -18.56
C ALA A 262 9.46 21.82 -19.19
N SER A 263 9.57 20.93 -20.16
CA SER A 263 8.38 20.44 -20.85
C SER A 263 7.49 19.55 -19.98
N ASP A 264 8.06 18.90 -18.98
CA ASP A 264 7.29 18.03 -18.11
C ASP A 264 6.79 18.74 -16.86
N TRP A 265 6.66 20.06 -16.94
CA TRP A 265 6.23 20.85 -15.79
C TRP A 265 4.83 20.58 -15.26
N THR A 266 4.68 20.76 -13.95
CA THR A 266 3.42 20.59 -13.26
C THR A 266 3.24 21.86 -12.44
N PHE A 267 2.07 22.03 -11.85
CA PHE A 267 1.78 23.23 -11.06
C PHE A 267 1.26 22.88 -9.66
N LEU A 268 1.69 23.65 -8.65
CA LEU A 268 1.26 23.45 -7.26
C LEU A 268 0.77 24.76 -6.66
N HIS A 269 -0.26 24.66 -5.83
CA HIS A 269 -0.83 25.83 -5.13
C HIS A 269 -1.45 25.29 -3.85
N CYS A 270 -1.01 25.81 -2.71
CA CYS A 270 -1.53 25.32 -1.43
C CYS A 270 -3.01 25.64 -1.15
N LEU A 271 -3.57 26.61 -1.87
CA LEU A 271 -4.97 27.01 -1.73
C LEU A 271 -5.23 27.73 -0.41
N PRO A 272 -6.30 28.55 -0.35
CA PRO A 272 -7.24 28.81 -1.44
C PRO A 272 -6.61 29.67 -2.55
N ARG A 273 -7.07 29.48 -3.78
CA ARG A 273 -6.53 30.22 -4.91
C ARG A 273 -7.43 31.37 -5.37
N LYS A 274 -6.81 32.48 -5.75
CA LYS A 274 -7.51 33.67 -6.25
C LYS A 274 -7.05 33.88 -7.71
N PRO A 275 -7.77 34.71 -8.49
CA PRO A 275 -7.36 34.93 -9.89
C PRO A 275 -6.09 35.75 -10.13
N GLU A 276 -5.43 36.22 -9.08
CA GLU A 276 -4.21 37.01 -9.21
C GLU A 276 -2.95 36.13 -9.39
N GLU A 277 -2.76 35.18 -8.49
CA GLU A 277 -1.59 34.29 -8.54
C GLU A 277 -1.47 33.46 -9.79
N VAL A 278 -2.59 32.93 -10.27
CA VAL A 278 -2.59 32.09 -11.45
C VAL A 278 -3.94 32.19 -12.16
N ASP A 279 -3.94 31.99 -13.48
CA ASP A 279 -5.16 32.06 -14.24
C ASP A 279 -5.80 30.69 -14.29
N ASP A 280 -7.02 30.62 -14.82
CA ASP A 280 -7.75 29.37 -14.91
C ASP A 280 -7.15 28.37 -15.89
N GLU A 281 -6.41 28.86 -16.88
CA GLU A 281 -5.82 27.97 -17.88
C GLU A 281 -4.78 27.05 -17.26
N VAL A 282 -3.92 27.63 -16.42
CA VAL A 282 -2.88 26.86 -15.75
C VAL A 282 -3.48 26.11 -14.57
N PHE A 283 -4.28 26.81 -13.77
CA PHE A 283 -4.90 26.25 -12.59
C PHE A 283 -5.77 25.00 -12.81
N TYR A 284 -6.59 25.02 -13.85
CA TYR A 284 -7.45 23.86 -14.14
C TYR A 284 -6.86 23.04 -15.27
N SER A 285 -5.60 23.32 -15.57
CA SER A 285 -4.88 22.62 -16.62
C SER A 285 -4.60 21.19 -16.16
N PRO A 286 -4.45 20.25 -17.11
CA PRO A 286 -4.18 18.88 -16.65
C PRO A 286 -2.77 18.73 -16.06
N ARG A 287 -2.02 19.82 -16.02
CA ARG A 287 -0.66 19.84 -15.45
C ARG A 287 -0.73 20.27 -13.98
N SER A 288 -1.88 20.77 -13.57
CA SER A 288 -2.11 21.24 -12.21
C SER A 288 -2.35 20.06 -11.25
N LEU A 289 -1.60 20.04 -10.16
CA LEU A 289 -1.72 18.96 -9.18
C LEU A 289 -2.35 19.49 -7.90
N VAL A 290 -3.01 20.64 -8.01
CA VAL A 290 -3.64 21.30 -6.90
C VAL A 290 -4.54 20.44 -6.00
N PHE A 291 -5.45 19.70 -6.62
CA PHE A 291 -6.36 18.88 -5.84
C PHE A 291 -5.73 17.63 -5.27
N PRO A 292 -4.87 16.93 -6.04
CA PRO A 292 -4.23 15.74 -5.48
C PRO A 292 -3.33 16.22 -4.33
N GLU A 293 -2.87 17.46 -4.46
CA GLU A 293 -2.02 18.10 -3.48
C GLU A 293 -2.83 18.35 -2.20
N ALA A 294 -4.06 18.83 -2.36
CA ALA A 294 -4.92 19.09 -1.21
C ALA A 294 -5.24 17.80 -0.48
N GLU A 295 -5.64 16.76 -1.24
CA GLU A 295 -5.95 15.48 -0.64
C GLU A 295 -4.78 14.95 0.18
N ASN A 296 -3.56 15.11 -0.34
CA ASN A 296 -2.42 14.60 0.38
C ASN A 296 -2.14 15.33 1.68
N ARG A 297 -2.95 16.33 1.98
CA ARG A 297 -2.75 17.03 3.23
C ARG A 297 -3.23 16.07 4.31
N LYS A 298 -4.22 15.25 3.97
CA LYS A 298 -4.78 14.30 4.91
C LYS A 298 -3.83 13.15 5.22
N TRP A 299 -3.36 12.46 4.18
CA TRP A 299 -2.47 11.34 4.38
C TRP A 299 -1.16 11.71 5.07
N THR A 300 -0.64 12.89 4.78
CA THR A 300 0.61 13.29 5.39
C THR A 300 0.47 13.68 6.87
N ILE A 301 -0.59 14.39 7.24
CA ILE A 301 -0.74 14.76 8.66
C ILE A 301 -1.00 13.49 9.46
N MET A 302 -1.65 12.52 8.82
CA MET A 302 -1.91 11.25 9.49
C MET A 302 -0.56 10.59 9.77
N ALA A 303 0.30 10.57 8.76
CA ALA A 303 1.64 9.98 8.89
C ALA A 303 2.41 10.67 10.00
N VAL A 304 2.32 12.00 10.07
CA VAL A 304 3.01 12.72 11.12
C VAL A 304 2.54 12.24 12.49
N MET A 305 1.23 12.21 12.71
CA MET A 305 0.68 11.79 13.99
C MET A 305 1.14 10.39 14.38
N VAL A 306 1.02 9.44 13.45
CA VAL A 306 1.42 8.07 13.70
C VAL A 306 2.90 7.93 14.07
N SER A 307 3.77 8.60 13.33
CA SER A 307 5.19 8.49 13.62
C SER A 307 5.61 9.22 14.89
N LEU A 308 4.83 10.20 15.36
CA LEU A 308 5.20 10.89 16.58
C LEU A 308 4.54 10.27 17.82
N LEU A 309 3.50 9.48 17.61
CA LEU A 309 2.78 8.90 18.74
C LEU A 309 2.75 7.39 18.88
N THR A 310 3.17 6.67 17.84
CA THR A 310 3.14 5.21 17.88
C THR A 310 4.46 4.58 17.46
N ASP A 311 4.48 3.24 17.45
CA ASP A 311 5.66 2.49 17.06
C ASP A 311 5.36 1.78 15.76
N TYR A 312 4.25 2.16 15.13
CA TYR A 312 3.86 1.55 13.88
C TYR A 312 4.98 1.65 12.85
N SER A 313 5.18 0.56 12.11
CA SER A 313 6.21 0.49 11.09
C SER A 313 5.52 0.14 9.78
N PRO A 314 5.88 0.84 8.68
CA PRO A 314 5.36 0.71 7.31
C PRO A 314 5.34 -0.69 6.72
N GLN A 315 4.21 -1.07 6.12
CA GLN A 315 4.07 -2.37 5.47
C GLN A 315 4.65 -2.26 4.07
N LEU A 316 4.18 -1.23 3.38
CA LEU A 316 4.56 -0.93 2.02
C LEU A 316 6.06 -0.86 1.84
N GLN A 317 6.51 -1.17 0.64
CA GLN A 317 7.93 -1.15 0.32
C GLN A 317 8.36 0.32 0.19
N LYS A 318 9.51 0.66 0.76
CA LYS A 318 10.01 2.03 0.70
C LYS A 318 9.99 2.56 -0.73
N PRO A 319 9.32 3.71 -0.93
CA PRO A 319 9.21 4.36 -2.25
C PRO A 319 10.55 4.81 -2.81
N LYS A 320 10.52 5.15 -4.10
CA LYS A 320 11.71 5.63 -4.79
C LYS A 320 11.73 7.14 -4.68
N PHE A 321 12.76 7.69 -4.05
CA PHE A 321 12.85 9.14 -3.88
C PHE A 321 13.96 9.75 -4.72
N LYS B 1 10.98 -42.19 -3.98
CA LYS B 1 11.11 -41.22 -5.11
C LYS B 1 11.22 -39.82 -4.53
N VAL B 2 10.15 -39.41 -3.88
CA VAL B 2 10.03 -38.10 -3.28
C VAL B 2 10.17 -38.13 -1.75
N GLN B 3 10.72 -37.07 -1.20
CA GLN B 3 10.88 -36.93 0.24
C GLN B 3 10.51 -35.50 0.62
N LEU B 4 9.22 -35.28 0.84
CA LEU B 4 8.73 -33.95 1.18
C LEU B 4 8.67 -33.68 2.67
N LYS B 5 8.92 -34.70 3.48
CA LYS B 5 8.84 -34.54 4.91
C LYS B 5 9.84 -33.52 5.47
N GLY B 6 9.34 -32.64 6.33
CA GLY B 6 10.17 -31.63 6.96
C GLY B 6 10.30 -30.31 6.23
N ARG B 7 9.89 -30.27 4.98
CA ARG B 7 10.01 -29.06 4.18
C ARG B 7 8.92 -28.02 4.41
N ASP B 8 9.14 -26.84 3.82
CA ASP B 8 8.19 -25.74 3.92
C ASP B 8 7.46 -25.62 2.59
N LEU B 9 6.32 -24.94 2.59
CA LEU B 9 5.58 -24.74 1.37
C LEU B 9 5.24 -23.26 1.33
N LEU B 10 6.19 -22.45 0.91
CA LEU B 10 6.01 -21.00 0.84
C LEU B 10 5.49 -20.64 -0.54
N THR B 11 5.90 -21.41 -1.53
CA THR B 11 5.49 -21.17 -2.91
C THR B 11 5.84 -22.39 -3.75
N LEU B 12 4.99 -22.71 -4.72
CA LEU B 12 5.20 -23.86 -5.59
C LEU B 12 6.51 -23.74 -6.37
N LYS B 13 7.05 -22.52 -6.42
CA LYS B 13 8.30 -22.23 -7.11
C LYS B 13 9.45 -23.16 -6.72
N ASN B 14 9.43 -23.67 -5.49
CA ASN B 14 10.50 -24.54 -5.00
C ASN B 14 10.19 -26.03 -5.14
N PHE B 15 9.18 -26.36 -5.94
CA PHE B 15 8.82 -27.76 -6.12
C PHE B 15 8.86 -28.20 -7.56
N THR B 16 9.41 -29.39 -7.79
CA THR B 16 9.49 -29.94 -9.14
C THR B 16 8.11 -30.50 -9.44
N GLY B 17 7.74 -30.56 -10.72
CA GLY B 17 6.45 -31.10 -11.09
C GLY B 17 6.27 -32.49 -10.52
N GLU B 18 7.37 -33.19 -10.28
CA GLU B 18 7.30 -34.53 -9.74
C GLU B 18 6.80 -34.51 -8.31
N GLU B 19 7.26 -33.52 -7.54
CA GLU B 19 6.86 -33.38 -6.14
C GLU B 19 5.43 -32.86 -6.03
N ILE B 20 5.03 -31.97 -6.91
CA ILE B 20 3.67 -31.46 -6.83
C ILE B 20 2.69 -32.59 -7.12
N LYS B 21 3.05 -33.47 -8.05
CA LYS B 21 2.19 -34.60 -8.41
C LYS B 21 2.00 -35.55 -7.23
N TYR B 22 3.07 -35.75 -6.47
CA TYR B 22 3.01 -36.62 -5.30
C TYR B 22 1.91 -36.10 -4.38
N MET B 23 1.94 -34.79 -4.13
CA MET B 23 0.94 -34.16 -3.27
C MET B 23 -0.47 -34.39 -3.81
N LEU B 24 -0.66 -34.19 -5.11
CA LEU B 24 -1.96 -34.42 -5.72
C LEU B 24 -2.35 -35.89 -5.65
N TRP B 25 -1.37 -36.77 -5.84
CA TRP B 25 -1.61 -38.19 -5.78
C TRP B 25 -2.07 -38.54 -4.36
N LEU B 26 -1.41 -37.97 -3.36
CA LEU B 26 -1.75 -38.19 -1.95
C LEU B 26 -3.14 -37.64 -1.64
N SER B 27 -3.49 -36.52 -2.26
CA SER B 27 -4.77 -35.89 -2.06
C SER B 27 -5.85 -36.85 -2.51
N ALA B 28 -5.63 -37.44 -3.68
CA ALA B 28 -6.57 -38.38 -4.27
C ALA B 28 -6.70 -39.63 -3.40
N ASP B 29 -5.59 -40.05 -2.79
CA ASP B 29 -5.59 -41.22 -1.94
C ASP B 29 -6.41 -40.97 -0.67
N LEU B 30 -6.11 -39.87 0.02
CA LEU B 30 -6.82 -39.51 1.24
C LEU B 30 -8.30 -39.37 0.96
N LYS B 31 -8.62 -38.64 -0.11
CA LYS B 31 -10.01 -38.42 -0.51
C LYS B 31 -10.74 -39.76 -0.71
N PHE B 32 -10.08 -40.69 -1.40
CA PHE B 32 -10.66 -41.99 -1.67
C PHE B 32 -10.91 -42.78 -0.39
N ARG B 33 -9.84 -43.00 0.37
CA ARG B 33 -9.95 -43.76 1.60
C ARG B 33 -10.97 -43.22 2.58
N ILE B 34 -11.00 -41.90 2.75
CA ILE B 34 -11.92 -41.30 3.70
C ILE B 34 -13.32 -41.07 3.17
N LYS B 35 -13.44 -40.39 2.04
CA LYS B 35 -14.75 -40.09 1.47
C LYS B 35 -15.48 -41.27 0.84
N GLN B 36 -14.78 -42.06 0.02
CA GLN B 36 -15.39 -43.18 -0.66
C GLN B 36 -15.42 -44.44 0.21
N LYS B 37 -14.29 -44.79 0.82
CA LYS B 37 -14.23 -45.97 1.66
C LYS B 37 -14.76 -45.77 3.07
N GLY B 38 -14.76 -44.54 3.56
CA GLY B 38 -15.28 -44.28 4.88
C GLY B 38 -14.34 -44.63 6.02
N GLU B 39 -13.05 -44.73 5.73
CA GLU B 39 -12.09 -45.07 6.77
C GLU B 39 -11.75 -43.84 7.62
N TYR B 40 -11.19 -44.11 8.80
CA TYR B 40 -10.75 -43.05 9.70
C TYR B 40 -9.25 -43.25 9.77
N LEU B 41 -8.49 -42.23 9.36
CA LEU B 41 -7.03 -42.32 9.34
C LEU B 41 -6.43 -41.30 10.30
N PRO B 42 -6.08 -41.73 11.52
CA PRO B 42 -5.48 -40.81 12.49
C PRO B 42 -4.01 -40.59 12.17
N LEU B 43 -3.72 -40.20 10.93
CA LEU B 43 -2.36 -39.97 10.51
C LEU B 43 -1.66 -38.84 11.27
N LEU B 44 -2.42 -37.86 11.74
CA LEU B 44 -1.83 -36.74 12.45
C LEU B 44 -2.06 -36.76 13.95
N GLN B 45 -2.36 -37.94 14.46
CA GLN B 45 -2.62 -38.10 15.87
C GLN B 45 -1.42 -37.62 16.68
N GLY B 46 -1.67 -36.91 17.77
CA GLY B 46 -0.57 -36.41 18.59
C GLY B 46 0.14 -35.22 17.96
N LYS B 47 -0.40 -34.69 16.87
CA LYS B 47 0.20 -33.55 16.19
C LYS B 47 -0.65 -32.31 16.40
N SER B 48 -0.02 -31.14 16.30
CA SER B 48 -0.72 -29.87 16.45
C SER B 48 -0.20 -28.92 15.38
N LEU B 49 -1.09 -28.04 14.94
CA LEU B 49 -0.78 -27.06 13.91
C LEU B 49 -1.10 -25.66 14.41
N GLY B 50 -0.22 -24.72 14.15
CA GLY B 50 -0.47 -23.35 14.55
C GLY B 50 -1.02 -22.60 13.33
N MET B 51 -2.26 -22.13 13.40
CA MET B 51 -2.84 -21.39 12.28
C MET B 51 -2.82 -19.90 12.60
N ILE B 52 -1.96 -19.15 11.90
CA ILE B 52 -1.87 -17.72 12.14
C ILE B 52 -2.51 -16.92 11.02
N PHE B 53 -3.61 -16.25 11.34
CA PHE B 53 -4.28 -15.43 10.34
C PHE B 53 -4.10 -13.96 10.71
N GLU B 54 -3.46 -13.21 9.81
CA GLU B 54 -3.26 -11.79 10.00
C GLU B 54 -4.53 -11.08 9.56
N LYS B 55 -5.23 -11.70 8.61
CA LYS B 55 -6.49 -11.18 8.11
C LYS B 55 -7.46 -12.34 7.91
N ARG B 56 -8.76 -12.03 7.96
CA ARG B 56 -9.84 -13.01 7.83
C ARG B 56 -9.66 -14.17 6.84
N SER B 57 -10.59 -15.11 6.92
CA SER B 57 -10.63 -16.30 6.07
C SER B 57 -11.87 -17.13 6.40
N THR B 58 -12.03 -18.20 5.66
CA THR B 58 -13.16 -19.09 5.85
C THR B 58 -12.80 -20.36 5.12
N ARG B 59 -12.55 -20.25 3.82
CA ARG B 59 -12.17 -21.41 3.05
C ARG B 59 -10.86 -21.98 3.59
N THR B 60 -9.86 -21.13 3.77
CA THR B 60 -8.56 -21.61 4.27
C THR B 60 -8.70 -22.11 5.71
N ARG B 61 -9.38 -21.34 6.54
CA ARG B 61 -9.61 -21.68 7.94
C ARG B 61 -10.41 -22.98 8.10
N LEU B 62 -11.59 -23.03 7.50
CA LEU B 62 -12.47 -24.21 7.57
C LEU B 62 -11.85 -25.46 6.99
N SER B 63 -11.26 -25.32 5.81
CA SER B 63 -10.66 -26.47 5.14
C SER B 63 -9.46 -27.02 5.93
N THR B 64 -8.67 -26.11 6.51
CA THR B 64 -7.49 -26.51 7.27
C THR B 64 -7.83 -27.08 8.65
N GLU B 65 -8.84 -26.49 9.29
CA GLU B 65 -9.24 -26.92 10.61
C GLU B 65 -9.91 -28.29 10.58
N THR B 66 -10.92 -28.44 9.72
CA THR B 66 -11.60 -29.74 9.61
C THR B 66 -10.63 -30.77 9.05
N GLY B 67 -9.86 -30.37 8.06
CA GLY B 67 -8.90 -31.30 7.46
C GLY B 67 -7.86 -31.82 8.43
N PHE B 68 -7.32 -30.95 9.28
CA PHE B 68 -6.30 -31.36 10.22
C PHE B 68 -6.87 -32.24 11.35
N ALA B 69 -8.06 -31.90 11.82
CA ALA B 69 -8.73 -32.63 12.88
C ALA B 69 -9.20 -33.99 12.40
N LEU B 70 -9.64 -34.05 11.14
CA LEU B 70 -10.13 -35.28 10.56
C LEU B 70 -9.05 -36.34 10.64
N LEU B 71 -7.79 -35.91 10.56
CA LEU B 71 -6.64 -36.82 10.64
C LEU B 71 -6.14 -37.03 12.06
N GLY B 72 -6.92 -36.58 13.04
CA GLY B 72 -6.55 -36.77 14.43
C GLY B 72 -5.65 -35.72 15.06
N GLY B 73 -5.28 -34.69 14.30
CA GLY B 73 -4.43 -33.64 14.84
C GLY B 73 -5.26 -32.55 15.49
N HIS B 74 -4.61 -31.67 16.25
CA HIS B 74 -5.35 -30.58 16.86
C HIS B 74 -4.99 -29.26 16.20
N PRO B 75 -5.96 -28.61 15.55
CA PRO B 75 -5.70 -27.34 14.90
C PRO B 75 -5.84 -26.22 15.92
N CYS B 76 -4.97 -25.23 15.84
CA CYS B 76 -5.04 -24.12 16.77
C CYS B 76 -5.24 -22.82 15.99
N PHE B 77 -6.36 -22.16 16.22
CA PHE B 77 -6.70 -20.92 15.52
C PHE B 77 -6.18 -19.67 16.26
N LEU B 78 -5.21 -18.99 15.67
CA LEU B 78 -4.63 -17.80 16.28
C LEU B 78 -4.77 -16.60 15.36
N THR B 79 -5.07 -15.44 15.94
CA THR B 79 -5.22 -14.21 15.17
C THR B 79 -4.32 -13.14 15.75
N THR B 80 -4.34 -11.96 15.13
CA THR B 80 -3.51 -10.85 15.59
C THR B 80 -3.92 -10.42 16.99
N GLN B 81 -5.21 -10.57 17.30
CA GLN B 81 -5.74 -10.18 18.61
C GLN B 81 -5.29 -11.13 19.70
N ASP B 82 -5.07 -12.38 19.32
CA ASP B 82 -4.65 -13.38 20.28
C ASP B 82 -3.32 -14.01 19.90
N ILE B 83 -2.27 -13.20 20.02
CA ILE B 83 -0.88 -13.58 19.78
C ILE B 83 -0.06 -12.46 20.41
N HIS B 84 1.03 -12.08 19.76
CA HIS B 84 1.90 -11.00 20.24
C HIS B 84 2.60 -10.36 19.03
N LEU B 85 2.63 -11.06 17.90
CA LEU B 85 3.27 -10.55 16.68
C LEU B 85 2.78 -9.19 16.26
N GLY B 86 3.64 -8.18 16.44
CA GLY B 86 3.29 -6.82 16.08
C GLY B 86 2.89 -5.95 17.26
N VAL B 87 2.45 -6.58 18.36
CA VAL B 87 2.04 -5.83 19.55
C VAL B 87 3.09 -5.86 20.68
N ASN B 88 3.79 -6.98 20.82
CA ASN B 88 4.81 -7.12 21.86
C ASN B 88 6.08 -7.84 21.39
N GLU B 89 5.95 -9.14 21.14
CA GLU B 89 7.06 -10.00 20.73
C GLU B 89 7.73 -9.74 19.37
N SER B 90 9.00 -10.15 19.28
CA SER B 90 9.81 -10.01 18.08
C SER B 90 9.23 -10.91 16.99
N LEU B 91 10.11 -11.58 16.24
CA LEU B 91 9.68 -12.50 15.18
C LEU B 91 10.51 -13.78 15.28
N THR B 92 11.80 -13.62 15.54
CA THR B 92 12.69 -14.75 15.70
C THR B 92 12.28 -15.51 16.97
N ASP B 93 11.85 -14.76 17.99
CA ASP B 93 11.42 -15.35 19.25
C ASP B 93 10.12 -16.12 19.07
N THR B 94 9.19 -15.53 18.33
CA THR B 94 7.91 -16.18 18.07
C THR B 94 8.16 -17.49 17.33
N ALA B 95 9.06 -17.44 16.35
CA ALA B 95 9.41 -18.60 15.56
C ALA B 95 9.93 -19.74 16.43
N ARG B 96 10.80 -19.41 17.39
CA ARG B 96 11.36 -20.43 18.27
C ARG B 96 10.39 -20.94 19.32
N VAL B 97 9.39 -20.12 19.65
CA VAL B 97 8.40 -20.54 20.63
C VAL B 97 7.41 -21.46 19.91
N LEU B 98 7.01 -21.05 18.72
CA LEU B 98 6.10 -21.85 17.91
C LEU B 98 6.73 -23.20 17.61
N SER B 99 8.03 -23.19 17.30
CA SER B 99 8.75 -24.42 16.99
C SER B 99 8.78 -25.46 18.11
N SER B 100 8.44 -25.05 19.34
CA SER B 100 8.45 -26.02 20.43
C SER B 100 7.08 -26.31 21.00
N MET B 101 6.05 -25.63 20.49
CA MET B 101 4.68 -25.85 20.95
C MET B 101 3.88 -26.60 19.89
N ALA B 102 4.22 -26.36 18.62
CA ALA B 102 3.53 -26.96 17.48
C ALA B 102 4.45 -27.73 16.55
N ASP B 103 3.84 -28.56 15.68
CA ASP B 103 4.56 -29.37 14.72
C ASP B 103 4.63 -28.73 13.34
N ALA B 104 3.80 -27.73 13.12
CA ALA B 104 3.77 -27.03 11.83
C ALA B 104 2.97 -25.77 12.01
N VAL B 105 3.13 -24.85 11.07
CA VAL B 105 2.41 -23.59 11.11
C VAL B 105 1.91 -23.21 9.73
N LEU B 106 0.62 -22.87 9.64
CA LEU B 106 0.05 -22.40 8.40
C LEU B 106 -0.16 -20.93 8.75
N ALA B 107 0.39 -20.03 7.94
CA ALA B 107 0.25 -18.61 8.22
C ALA B 107 -0.28 -17.78 7.06
N ARG B 108 -1.36 -17.04 7.30
CA ARG B 108 -1.86 -16.15 6.27
C ARG B 108 -1.34 -14.78 6.67
N VAL B 109 -0.36 -14.28 5.92
CA VAL B 109 0.25 -12.99 6.22
C VAL B 109 0.18 -12.03 5.05
N TYR B 110 0.42 -10.75 5.34
CA TYR B 110 0.42 -9.74 4.29
C TYR B 110 1.68 -9.83 3.44
N LYS B 111 2.85 -9.82 4.08
CA LYS B 111 4.13 -9.88 3.36
C LYS B 111 4.72 -11.28 3.27
N GLN B 112 5.19 -11.64 2.07
CA GLN B 112 5.81 -12.94 1.81
C GLN B 112 7.16 -13.01 2.51
N SER B 113 7.75 -11.84 2.75
CA SER B 113 9.04 -11.76 3.43
C SER B 113 8.90 -12.23 4.87
N ASP B 114 7.69 -12.05 5.42
CA ASP B 114 7.40 -12.47 6.78
C ASP B 114 7.38 -13.98 6.86
N LEU B 115 6.91 -14.62 5.80
CA LEU B 115 6.90 -16.07 5.74
C LEU B 115 8.33 -16.55 5.64
N ASP B 116 9.10 -15.89 4.77
CA ASP B 116 10.50 -16.23 4.54
C ASP B 116 11.30 -16.16 5.82
N THR B 117 11.11 -15.09 6.58
CA THR B 117 11.84 -14.91 7.83
C THR B 117 11.40 -15.93 8.86
N LEU B 118 10.11 -16.22 8.84
CA LEU B 118 9.53 -17.18 9.77
C LEU B 118 10.12 -18.58 9.53
N ALA B 119 10.24 -18.98 8.27
CA ALA B 119 10.78 -20.28 7.92
C ALA B 119 12.26 -20.42 8.27
N LYS B 120 12.96 -19.29 8.22
CA LYS B 120 14.37 -19.21 8.52
C LYS B 120 14.66 -19.47 10.00
N GLU B 121 13.82 -18.90 10.87
CA GLU B 121 13.99 -19.04 12.30
C GLU B 121 13.32 -20.27 12.91
N ALA B 122 12.26 -20.74 12.26
CA ALA B 122 11.52 -21.90 12.74
C ALA B 122 12.14 -23.20 12.28
N SER B 123 11.99 -24.22 13.12
CA SER B 123 12.52 -25.55 12.85
C SER B 123 11.39 -26.52 12.54
N ILE B 124 10.18 -25.99 12.34
CA ILE B 124 9.05 -26.84 12.00
C ILE B 124 8.58 -26.34 10.65
N PRO B 125 7.87 -27.17 9.89
CA PRO B 125 7.39 -26.75 8.57
C PRO B 125 6.49 -25.53 8.62
N ILE B 126 6.69 -24.62 7.68
CA ILE B 126 5.88 -23.41 7.57
C ILE B 126 5.11 -23.50 6.27
N ILE B 127 3.80 -23.38 6.33
CA ILE B 127 2.96 -23.46 5.14
C ILE B 127 2.27 -22.13 4.88
N ASN B 128 2.37 -21.68 3.62
CA ASN B 128 1.79 -20.43 3.17
C ASN B 128 0.26 -20.55 3.04
N GLY B 129 -0.45 -19.86 3.94
CA GLY B 129 -1.90 -19.91 3.91
C GLY B 129 -2.50 -18.84 3.02
N LEU B 130 -1.61 -18.12 2.33
CA LEU B 130 -1.89 -17.03 1.40
C LEU B 130 -1.13 -15.77 1.79
N SER B 131 -0.41 -15.23 0.82
CA SER B 131 0.35 -14.00 0.99
C SER B 131 -0.03 -13.11 -0.21
N ASP B 132 0.42 -11.87 -0.20
CA ASP B 132 0.09 -10.99 -1.32
C ASP B 132 0.76 -11.40 -2.62
N LEU B 133 1.80 -12.22 -2.50
CA LEU B 133 2.52 -12.66 -3.67
C LEU B 133 2.06 -14.02 -4.22
N TYR B 134 1.92 -15.02 -3.34
CA TYR B 134 1.51 -16.35 -3.76
C TYR B 134 0.35 -16.96 -2.98
N HIS B 135 -0.28 -17.97 -3.57
CA HIS B 135 -1.37 -18.70 -2.94
C HIS B 135 -1.23 -20.14 -3.44
N PRO B 136 -0.10 -20.79 -3.13
CA PRO B 136 0.11 -22.17 -3.58
C PRO B 136 -1.00 -23.18 -3.30
N ILE B 137 -1.48 -23.23 -2.06
CA ILE B 137 -2.51 -24.21 -1.74
C ILE B 137 -3.83 -24.06 -2.50
N GLN B 138 -4.08 -22.91 -3.12
CA GLN B 138 -5.32 -22.77 -3.89
C GLN B 138 -5.15 -23.54 -5.20
N ILE B 139 -3.94 -23.49 -5.75
CA ILE B 139 -3.59 -24.17 -7.00
C ILE B 139 -3.66 -25.69 -6.86
N LEU B 140 -3.15 -26.21 -5.75
CA LEU B 140 -3.22 -27.65 -5.54
C LEU B 140 -4.67 -28.09 -5.64
N ALA B 141 -5.57 -27.32 -5.05
CA ALA B 141 -6.98 -27.67 -5.09
C ALA B 141 -7.49 -27.61 -6.52
N ASP B 142 -7.07 -26.58 -7.25
CA ASP B 142 -7.50 -26.40 -8.64
C ASP B 142 -7.04 -27.53 -9.55
N TYR B 143 -5.75 -27.89 -9.48
CA TYR B 143 -5.24 -28.97 -10.33
C TYR B 143 -5.89 -30.31 -10.05
N LEU B 144 -6.18 -30.62 -8.78
CA LEU B 144 -6.83 -31.88 -8.47
C LEU B 144 -8.22 -31.88 -9.09
N THR B 145 -8.87 -30.71 -9.08
CA THR B 145 -10.22 -30.58 -9.64
C THR B 145 -10.22 -30.81 -11.14
N LEU B 146 -9.21 -30.28 -11.81
CA LEU B 146 -9.12 -30.44 -13.25
C LEU B 146 -8.77 -31.89 -13.56
N GLN B 147 -7.90 -32.47 -12.73
CA GLN B 147 -7.48 -33.85 -12.92
C GLN B 147 -8.64 -34.81 -12.74
N GLU B 148 -9.63 -34.45 -11.93
CA GLU B 148 -10.78 -35.33 -11.73
C GLU B 148 -11.82 -35.12 -12.82
N HIS B 149 -11.68 -34.05 -13.59
CA HIS B 149 -12.63 -33.75 -14.64
C HIS B 149 -12.16 -34.15 -16.03
N TYR B 150 -10.89 -33.86 -16.33
CA TYR B 150 -10.32 -34.16 -17.63
C TYR B 150 -9.55 -35.49 -17.65
N SER B 151 -9.34 -36.07 -16.48
CA SER B 151 -8.65 -37.36 -16.35
C SER B 151 -7.15 -37.27 -16.62
N SER B 152 -6.68 -36.07 -16.90
CA SER B 152 -5.27 -35.83 -17.17
C SER B 152 -5.10 -34.31 -17.23
N LEU B 153 -3.86 -33.83 -17.07
CA LEU B 153 -3.60 -32.40 -17.08
C LEU B 153 -2.71 -31.93 -18.23
N LYS B 154 -1.69 -32.73 -18.55
CA LYS B 154 -0.76 -32.39 -19.64
C LYS B 154 -1.47 -32.00 -20.92
N GLY B 155 -1.10 -30.85 -21.47
CA GLY B 155 -1.71 -30.39 -22.71
C GLY B 155 -2.87 -29.41 -22.55
N LEU B 156 -3.35 -29.25 -21.33
CA LEU B 156 -4.47 -28.33 -21.08
C LEU B 156 -4.02 -26.88 -21.23
N THR B 157 -4.97 -26.02 -21.56
CA THR B 157 -4.70 -24.61 -21.73
C THR B 157 -5.55 -23.85 -20.73
N LEU B 158 -4.88 -23.25 -19.75
CA LEU B 158 -5.56 -22.49 -18.73
C LEU B 158 -5.64 -21.04 -19.22
N SER B 159 -6.80 -20.43 -19.07
CA SER B 159 -7.00 -19.06 -19.50
C SER B 159 -7.31 -18.14 -18.33
N TRP B 160 -6.31 -17.42 -17.85
CA TRP B 160 -6.54 -16.50 -16.74
C TRP B 160 -7.08 -15.16 -17.25
N ILE B 161 -8.09 -14.63 -16.57
CA ILE B 161 -8.69 -13.37 -16.96
C ILE B 161 -8.98 -12.51 -15.73
N GLY B 162 -8.06 -11.60 -15.41
CA GLY B 162 -8.27 -10.74 -14.27
C GLY B 162 -7.02 -9.99 -13.87
N ASP B 163 -6.97 -9.58 -12.60
CA ASP B 163 -5.82 -8.86 -12.06
C ASP B 163 -4.56 -9.73 -12.06
N GLY B 164 -3.40 -9.11 -11.89
CA GLY B 164 -2.15 -9.85 -11.84
C GLY B 164 -1.80 -10.09 -10.38
N ASN B 165 -2.58 -10.97 -9.73
CA ASN B 165 -2.40 -11.28 -8.31
C ASN B 165 -1.64 -12.56 -7.97
N ASN B 166 -1.84 -13.00 -6.74
CA ASN B 166 -1.20 -14.19 -6.19
C ASN B 166 -1.66 -15.50 -6.83
N ILE B 167 -2.93 -15.56 -7.24
CA ILE B 167 -3.46 -16.77 -7.88
C ILE B 167 -2.72 -17.03 -9.20
N LEU B 168 -2.66 -16.00 -10.05
CA LEU B 168 -1.98 -16.11 -11.33
C LEU B 168 -0.51 -16.47 -11.12
N HIS B 169 0.12 -15.81 -10.16
CA HIS B 169 1.52 -16.06 -9.86
C HIS B 169 1.76 -17.53 -9.58
N SER B 170 0.87 -18.14 -8.80
CA SER B 170 0.99 -19.54 -8.43
C SER B 170 0.73 -20.46 -9.62
N ILE B 171 -0.14 -20.04 -10.52
CA ILE B 171 -0.40 -20.84 -11.70
C ILE B 171 0.91 -20.81 -12.50
N MET B 172 1.47 -19.61 -12.63
CA MET B 172 2.73 -19.40 -13.34
C MET B 172 3.92 -20.14 -12.76
N MET B 173 3.82 -20.52 -11.49
CA MET B 173 4.92 -21.24 -10.85
C MET B 173 4.74 -22.74 -10.94
N SER B 174 3.65 -23.18 -11.58
CA SER B 174 3.38 -24.60 -11.65
C SER B 174 2.81 -25.18 -12.93
N ALA B 175 1.93 -24.45 -13.62
CA ALA B 175 1.31 -24.93 -14.85
C ALA B 175 2.21 -25.72 -15.81
N ALA B 176 3.30 -25.09 -16.27
CA ALA B 176 4.22 -25.72 -17.19
C ALA B 176 4.73 -27.07 -16.69
N LYS B 177 5.09 -27.12 -15.42
CA LYS B 177 5.61 -28.36 -14.82
C LYS B 177 4.66 -29.55 -15.02
N PHE B 178 3.43 -29.26 -15.41
CA PHE B 178 2.44 -30.30 -15.66
C PHE B 178 2.18 -30.45 -17.15
N GLY B 179 2.96 -29.74 -17.96
CA GLY B 179 2.79 -29.79 -19.40
C GLY B 179 1.58 -28.99 -19.82
N MET B 180 1.19 -28.00 -19.02
CA MET B 180 0.03 -27.16 -19.32
C MET B 180 0.44 -25.79 -19.85
N HIS B 181 -0.41 -25.23 -20.70
CA HIS B 181 -0.15 -23.94 -21.30
C HIS B 181 -0.90 -22.84 -20.53
N LEU B 182 -0.37 -21.63 -20.58
CA LEU B 182 -0.98 -20.51 -19.87
C LEU B 182 -1.20 -19.28 -20.76
N GLN B 183 -2.44 -18.79 -20.80
CA GLN B 183 -2.76 -17.62 -21.58
C GLN B 183 -3.43 -16.64 -20.62
N ALA B 184 -2.62 -15.80 -20.00
CA ALA B 184 -3.12 -14.82 -19.02
C ALA B 184 -3.41 -13.46 -19.65
N ALA B 185 -4.48 -12.82 -19.18
CA ALA B 185 -4.88 -11.50 -19.68
C ALA B 185 -5.12 -10.57 -18.50
N THR B 186 -4.32 -9.51 -18.40
CA THR B 186 -4.46 -8.55 -17.32
C THR B 186 -4.40 -7.12 -17.86
N PRO B 187 -5.28 -6.23 -17.36
CA PRO B 187 -5.27 -4.84 -17.83
C PRO B 187 -3.88 -4.22 -17.73
N LYS B 188 -3.56 -3.32 -18.65
CA LYS B 188 -2.25 -2.68 -18.64
C LYS B 188 -2.12 -1.92 -17.32
N GLY B 189 -1.00 -2.15 -16.62
CA GLY B 189 -0.79 -1.49 -15.34
C GLY B 189 -1.13 -2.40 -14.19
N TYR B 190 -1.67 -3.58 -14.52
CA TYR B 190 -2.04 -4.57 -13.53
C TYR B 190 -1.38 -5.89 -13.91
N GLU B 191 -0.22 -5.81 -14.53
CA GLU B 191 0.52 -6.99 -14.94
C GLU B 191 0.99 -7.79 -13.74
N PRO B 192 1.32 -9.07 -13.94
CA PRO B 192 1.80 -9.89 -12.83
C PRO B 192 3.26 -9.49 -12.50
N ASP B 193 3.74 -9.86 -11.32
CA ASP B 193 5.10 -9.52 -10.92
C ASP B 193 6.09 -9.92 -12.00
N ALA B 194 6.92 -8.96 -12.39
CA ALA B 194 7.93 -9.16 -13.41
C ALA B 194 8.85 -10.38 -13.18
N SER B 195 9.45 -10.47 -12.00
CA SER B 195 10.35 -11.58 -11.70
C SER B 195 9.68 -12.95 -11.71
N VAL B 196 8.39 -12.98 -11.40
CA VAL B 196 7.64 -14.22 -11.39
C VAL B 196 7.44 -14.63 -12.85
N THR B 197 7.12 -13.64 -13.68
CA THR B 197 6.90 -13.86 -15.11
C THR B 197 8.17 -14.36 -15.80
N LYS B 198 9.31 -13.79 -15.40
CA LYS B 198 10.58 -14.19 -16.00
C LYS B 198 10.82 -15.67 -15.73
N LEU B 199 10.54 -16.07 -14.50
CA LEU B 199 10.72 -17.45 -14.08
C LEU B 199 9.65 -18.34 -14.73
N ALA B 200 8.49 -17.76 -15.02
CA ALA B 200 7.42 -18.50 -15.65
C ALA B 200 7.84 -18.86 -17.07
N GLU B 201 8.47 -17.90 -17.75
CA GLU B 201 8.95 -18.07 -19.12
C GLU B 201 10.01 -19.17 -19.20
N GLN B 202 10.95 -19.14 -18.25
CA GLN B 202 11.99 -20.15 -18.22
C GLN B 202 11.34 -21.52 -18.08
N TYR B 203 10.19 -21.55 -17.40
CA TYR B 203 9.43 -22.78 -17.18
C TYR B 203 8.75 -23.29 -18.44
N ALA B 204 7.98 -22.42 -19.10
CA ALA B 204 7.28 -22.79 -20.33
C ALA B 204 8.32 -23.21 -21.37
N LYS B 205 9.49 -22.59 -21.27
CA LYS B 205 10.62 -22.84 -22.15
C LYS B 205 11.25 -24.22 -21.88
N GLU B 206 11.36 -24.59 -20.60
CA GLU B 206 11.95 -25.87 -20.23
C GLU B 206 11.03 -27.08 -20.45
N ASN B 207 9.72 -26.87 -20.34
CA ASN B 207 8.77 -27.96 -20.53
C ASN B 207 8.06 -27.87 -21.87
N GLY B 208 8.56 -27.01 -22.73
CA GLY B 208 7.97 -26.86 -24.06
C GLY B 208 6.47 -26.63 -24.04
N THR B 209 6.02 -25.66 -23.25
CA THR B 209 4.60 -25.33 -23.19
C THR B 209 4.59 -23.87 -23.55
N LYS B 210 3.41 -23.32 -23.81
CA LYS B 210 3.33 -21.92 -24.18
C LYS B 210 2.82 -21.00 -23.07
N LEU B 211 3.42 -19.82 -23.00
CA LEU B 211 3.07 -18.81 -22.02
C LEU B 211 2.72 -17.56 -22.83
N LEU B 212 1.45 -17.15 -22.78
CA LEU B 212 1.00 -15.97 -23.51
C LEU B 212 0.46 -14.86 -22.62
N LEU B 213 1.13 -13.71 -22.61
CA LEU B 213 0.67 -12.57 -21.82
C LEU B 213 0.01 -11.54 -22.74
N THR B 214 -1.17 -11.07 -22.35
CA THR B 214 -1.92 -10.12 -23.14
C THR B 214 -2.75 -9.15 -22.27
N ASN B 215 -3.53 -8.31 -22.93
CA ASN B 215 -4.40 -7.34 -22.25
C ASN B 215 -5.81 -7.53 -22.80
N ASP B 216 -5.98 -8.53 -23.66
CA ASP B 216 -7.27 -8.81 -24.29
C ASP B 216 -7.93 -10.09 -23.76
N PRO B 217 -9.08 -9.96 -23.08
CA PRO B 217 -9.82 -11.08 -22.52
C PRO B 217 -10.08 -12.23 -23.50
N LEU B 218 -10.69 -11.90 -24.63
CA LEU B 218 -11.02 -12.88 -25.65
C LEU B 218 -9.79 -13.53 -26.29
N GLU B 219 -8.66 -12.84 -26.26
CA GLU B 219 -7.45 -13.38 -26.84
C GLU B 219 -6.89 -14.52 -25.98
N ALA B 220 -6.96 -14.34 -24.67
CA ALA B 220 -6.47 -15.33 -23.72
C ALA B 220 -7.47 -16.48 -23.61
N ALA B 221 -8.75 -16.13 -23.62
CA ALA B 221 -9.81 -17.13 -23.53
C ALA B 221 -9.76 -18.04 -24.75
N HIS B 222 -9.44 -17.44 -25.89
CA HIS B 222 -9.36 -18.17 -27.16
C HIS B 222 -8.54 -19.45 -27.13
N GLY B 223 -9.20 -20.57 -27.38
CA GLY B 223 -8.55 -21.87 -27.41
C GLY B 223 -8.25 -22.47 -26.05
N GLY B 224 -8.74 -21.82 -25.00
CA GLY B 224 -8.50 -22.30 -23.66
C GLY B 224 -9.50 -23.34 -23.20
N ASN B 225 -8.99 -24.35 -22.49
CA ASN B 225 -9.80 -25.43 -21.96
C ASN B 225 -10.44 -25.04 -20.64
N VAL B 226 -9.74 -24.21 -19.88
CA VAL B 226 -10.21 -23.75 -18.58
C VAL B 226 -10.18 -22.23 -18.45
N LEU B 227 -11.32 -21.65 -18.08
CA LEU B 227 -11.43 -20.21 -17.89
C LEU B 227 -11.36 -19.91 -16.38
N ILE B 228 -10.28 -19.25 -15.98
CA ILE B 228 -10.06 -18.92 -14.57
C ILE B 228 -10.12 -17.41 -14.30
N THR B 229 -10.84 -17.02 -13.25
CA THR B 229 -10.91 -15.61 -12.90
C THR B 229 -10.91 -15.45 -11.38
N ASP B 230 -10.90 -14.20 -10.93
CA ASP B 230 -10.90 -13.90 -9.51
C ASP B 230 -11.48 -12.51 -9.35
N THR B 231 -11.97 -12.19 -8.16
CA THR B 231 -12.54 -10.88 -7.91
C THR B 231 -11.45 -9.82 -8.02
N TRP B 232 -11.64 -8.86 -8.94
CA TRP B 232 -10.65 -7.80 -9.12
C TRP B 232 -11.07 -6.42 -8.67
N ILE B 233 -12.35 -6.21 -8.37
CA ILE B 233 -12.76 -4.89 -7.87
C ILE B 233 -12.02 -4.80 -6.55
N SER B 234 -11.63 -3.60 -6.16
CA SER B 234 -10.91 -3.48 -4.92
C SER B 234 -11.87 -3.57 -3.74
N MET B 235 -11.38 -4.17 -2.66
CA MET B 235 -12.15 -4.27 -1.44
C MET B 235 -12.03 -2.85 -0.90
N GLY B 236 -11.11 -2.12 -1.52
CA GLY B 236 -10.83 -0.75 -1.15
C GLY B 236 -12.05 0.10 -0.98
N ARG B 237 -12.61 0.06 0.24
CA ARG B 237 -13.79 0.87 0.57
C ARG B 237 -13.42 2.31 0.24
N GLU B 238 -13.47 2.61 -1.05
CA GLU B 238 -13.14 3.94 -1.55
C GLU B 238 -13.64 3.92 -2.99
N GLU B 239 -14.79 4.53 -3.21
CA GLU B 239 -15.42 4.58 -4.52
C GLU B 239 -14.46 4.95 -5.64
N GLU B 240 -13.30 5.50 -5.30
CA GLU B 240 -12.31 5.83 -6.31
C GLU B 240 -11.68 4.50 -6.72
N LYS B 241 -12.46 3.44 -6.53
CA LYS B 241 -12.09 2.08 -6.89
C LYS B 241 -12.51 1.93 -8.35
N LYS B 242 -13.39 2.84 -8.77
CA LYS B 242 -13.88 2.87 -10.14
C LYS B 242 -12.72 2.97 -11.13
N LYS B 243 -11.51 3.21 -10.62
CA LYS B 243 -10.33 3.25 -11.48
C LYS B 243 -10.19 1.86 -12.03
N ARG B 244 -10.68 0.88 -11.26
CA ARG B 244 -10.61 -0.52 -11.65
C ARG B 244 -11.73 -0.90 -12.61
N LEU B 245 -12.94 -0.41 -12.35
CA LEU B 245 -14.07 -0.69 -13.22
C LEU B 245 -13.70 -0.21 -14.63
N GLN B 246 -12.96 0.89 -14.66
CA GLN B 246 -12.51 1.48 -15.92
C GLN B 246 -11.43 0.62 -16.55
N ALA B 247 -10.40 0.30 -15.76
CA ALA B 247 -9.29 -0.50 -16.23
C ALA B 247 -9.64 -1.96 -16.48
N PHE B 248 -10.82 -2.40 -16.07
CA PHE B 248 -11.22 -3.80 -16.26
C PHE B 248 -12.45 -4.04 -17.11
N GLN B 249 -12.80 -3.10 -17.98
CA GLN B 249 -13.97 -3.26 -18.84
C GLN B 249 -13.78 -4.43 -19.81
N GLY B 250 -14.83 -5.24 -19.95
CA GLY B 250 -14.75 -6.37 -20.85
C GLY B 250 -14.03 -7.56 -20.24
N TYR B 251 -13.75 -7.49 -18.94
CA TYR B 251 -13.08 -8.59 -18.26
C TYR B 251 -14.04 -9.54 -17.58
N GLN B 252 -15.31 -9.16 -17.55
CA GLN B 252 -16.32 -10.01 -16.94
C GLN B 252 -16.56 -11.24 -17.80
N VAL B 253 -16.30 -12.42 -17.22
CA VAL B 253 -16.50 -13.67 -17.92
C VAL B 253 -17.99 -13.95 -18.07
N THR B 254 -18.43 -14.06 -19.32
CA THR B 254 -19.83 -14.33 -19.64
C THR B 254 -19.84 -15.42 -20.70
N MET B 255 -21.02 -15.73 -21.23
CA MET B 255 -21.08 -16.75 -22.26
C MET B 255 -20.37 -16.31 -23.53
N LYS B 256 -20.24 -14.99 -23.72
CA LYS B 256 -19.55 -14.44 -24.89
C LYS B 256 -18.12 -14.94 -24.82
N THR B 257 -17.46 -14.62 -23.71
CA THR B 257 -16.08 -15.00 -23.46
C THR B 257 -15.83 -16.49 -23.73
N ALA B 258 -16.83 -17.30 -23.44
CA ALA B 258 -16.73 -18.74 -23.59
C ALA B 258 -16.81 -19.31 -25.01
N LYS B 259 -17.60 -18.68 -25.87
CA LYS B 259 -17.73 -19.18 -27.23
C LYS B 259 -16.43 -19.14 -28.02
N VAL B 260 -15.45 -18.37 -27.55
CA VAL B 260 -14.16 -18.28 -28.24
C VAL B 260 -13.17 -19.29 -27.64
N ALA B 261 -13.66 -20.14 -26.75
CA ALA B 261 -12.81 -21.14 -26.10
C ALA B 261 -13.18 -22.56 -26.49
N ALA B 262 -12.28 -23.49 -26.22
CA ALA B 262 -12.48 -24.91 -26.51
C ALA B 262 -13.90 -25.35 -26.19
N SER B 263 -14.35 -26.42 -26.82
CA SER B 263 -15.71 -26.92 -26.61
C SER B 263 -15.89 -27.63 -25.27
N ASP B 264 -14.78 -28.04 -24.65
CA ASP B 264 -14.82 -28.73 -23.37
C ASP B 264 -14.45 -27.79 -22.20
N TRP B 265 -14.52 -26.49 -22.44
CA TRP B 265 -14.17 -25.48 -21.42
C TRP B 265 -14.87 -25.68 -20.07
N THR B 266 -14.11 -25.44 -19.00
CA THR B 266 -14.61 -25.53 -17.64
C THR B 266 -14.28 -24.19 -16.98
N PHE B 267 -14.95 -23.89 -15.89
CA PHE B 267 -14.73 -22.62 -15.21
C PHE B 267 -14.33 -22.78 -13.74
N LEU B 268 -13.31 -22.02 -13.34
CA LEU B 268 -12.80 -22.03 -11.97
C LEU B 268 -12.76 -20.63 -11.35
N HIS B 269 -13.09 -20.54 -10.06
CA HIS B 269 -13.07 -19.28 -9.31
C HIS B 269 -12.80 -19.69 -7.87
N CYS B 270 -11.71 -19.21 -7.30
CA CYS B 270 -11.35 -19.57 -5.93
C CYS B 270 -12.34 -19.12 -4.84
N LEU B 271 -13.13 -18.09 -5.11
CA LEU B 271 -14.12 -17.57 -4.15
C LEU B 271 -13.52 -16.78 -2.98
N PRO B 272 -14.34 -15.94 -2.33
CA PRO B 272 -15.74 -15.69 -2.66
C PRO B 272 -15.88 -14.99 -3.99
N ARG B 273 -16.98 -15.25 -4.68
CA ARG B 273 -17.23 -14.66 -5.99
C ARG B 273 -18.09 -13.40 -5.94
N LYS B 274 -17.90 -12.54 -6.92
CA LYS B 274 -18.68 -11.31 -7.02
C LYS B 274 -19.16 -11.14 -8.46
N PRO B 275 -20.28 -10.43 -8.66
CA PRO B 275 -20.85 -10.20 -10.01
C PRO B 275 -19.95 -9.58 -11.08
N GLU B 276 -19.01 -8.72 -10.69
CA GLU B 276 -18.13 -8.08 -11.65
C GLU B 276 -17.21 -8.99 -12.49
N GLU B 277 -16.70 -10.08 -11.91
CA GLU B 277 -15.78 -10.96 -12.62
C GLU B 277 -16.43 -12.00 -13.52
N VAL B 278 -17.65 -12.40 -13.20
CA VAL B 278 -18.34 -13.42 -13.97
C VAL B 278 -19.82 -13.29 -13.66
N ASP B 279 -20.67 -13.62 -14.63
CA ASP B 279 -22.10 -13.51 -14.42
C ASP B 279 -22.70 -14.77 -13.83
N ASP B 280 -23.98 -14.69 -13.47
CA ASP B 280 -24.69 -15.81 -12.88
C ASP B 280 -24.86 -16.97 -13.85
N GLU B 281 -24.78 -16.67 -15.14
CA GLU B 281 -24.96 -17.68 -16.18
C GLU B 281 -23.79 -18.64 -16.30
N VAL B 282 -22.57 -18.12 -16.20
CA VAL B 282 -21.38 -18.95 -16.30
C VAL B 282 -20.95 -19.51 -14.95
N PHE B 283 -21.28 -18.78 -13.88
CA PHE B 283 -20.91 -19.19 -12.53
C PHE B 283 -21.67 -20.44 -12.10
N TYR B 284 -22.97 -20.48 -12.37
CA TYR B 284 -23.80 -21.62 -11.99
C TYR B 284 -24.04 -22.62 -13.13
N SER B 285 -23.27 -22.51 -14.21
CA SER B 285 -23.42 -23.43 -15.32
C SER B 285 -22.78 -24.77 -14.98
N PRO B 286 -23.16 -25.85 -15.70
CA PRO B 286 -22.55 -27.15 -15.40
C PRO B 286 -21.09 -27.21 -15.84
N ARG B 287 -20.59 -26.11 -16.39
CA ARG B 287 -19.19 -26.03 -16.83
C ARG B 287 -18.35 -25.46 -15.69
N SER B 288 -19.04 -24.97 -14.67
CA SER B 288 -18.42 -24.38 -13.49
C SER B 288 -18.03 -25.44 -12.46
N LEU B 289 -16.75 -25.49 -12.14
CA LEU B 289 -16.24 -26.45 -11.16
C LEU B 289 -16.04 -25.78 -9.80
N VAL B 290 -16.49 -24.54 -9.70
CA VAL B 290 -16.38 -23.74 -8.47
C VAL B 290 -16.52 -24.48 -7.13
N PHE B 291 -17.62 -25.20 -6.95
CA PHE B 291 -17.84 -25.90 -5.69
C PHE B 291 -16.97 -27.14 -5.50
N PRO B 292 -16.81 -27.96 -6.55
CA PRO B 292 -15.97 -29.15 -6.35
C PRO B 292 -14.56 -28.64 -6.01
N GLU B 293 -14.21 -27.50 -6.59
CA GLU B 293 -12.91 -26.87 -6.39
C GLU B 293 -12.76 -26.42 -4.94
N ALA B 294 -13.86 -25.94 -4.36
CA ALA B 294 -13.85 -25.48 -2.98
C ALA B 294 -13.64 -26.66 -2.03
N GLU B 295 -14.34 -27.77 -2.30
CA GLU B 295 -14.21 -28.96 -1.49
C GLU B 295 -12.78 -29.50 -1.49
N ASN B 296 -12.14 -29.49 -2.66
CA ASN B 296 -10.77 -29.99 -2.77
C ASN B 296 -9.73 -29.16 -2.02
N ARG B 297 -10.16 -28.04 -1.44
CA ARG B 297 -9.25 -27.23 -0.65
C ARG B 297 -8.96 -28.10 0.58
N LYS B 298 -9.96 -28.82 1.03
CA LYS B 298 -9.83 -29.68 2.19
C LYS B 298 -8.91 -30.89 1.94
N TRP B 299 -9.15 -31.61 0.85
CA TRP B 299 -8.34 -32.78 0.56
C TRP B 299 -6.90 -32.44 0.23
N THR B 300 -6.66 -31.33 -0.44
CA THR B 300 -5.28 -30.99 -0.76
C THR B 300 -4.49 -30.51 0.46
N ILE B 301 -5.07 -29.61 1.27
CA ILE B 301 -4.34 -29.12 2.43
C ILE B 301 -4.00 -30.30 3.36
N MET B 302 -4.83 -31.33 3.33
CA MET B 302 -4.61 -32.53 4.15
C MET B 302 -3.39 -33.30 3.60
N ALA B 303 -3.29 -33.39 2.28
CA ALA B 303 -2.16 -34.07 1.64
C ALA B 303 -0.87 -33.33 1.96
N VAL B 304 -0.94 -32.00 1.96
CA VAL B 304 0.22 -31.18 2.29
C VAL B 304 0.66 -31.51 3.72
N MET B 305 -0.29 -31.46 4.65
CA MET B 305 -0.01 -31.75 6.04
C MET B 305 0.62 -33.13 6.23
N VAL B 306 0.03 -34.12 5.59
CA VAL B 306 0.52 -35.50 5.69
C VAL B 306 1.91 -35.64 5.08
N SER B 307 2.12 -35.05 3.91
CA SER B 307 3.41 -35.16 3.26
C SER B 307 4.54 -34.45 4.00
N LEU B 308 4.26 -33.30 4.61
CA LEU B 308 5.29 -32.57 5.32
C LEU B 308 5.55 -33.08 6.73
N LEU B 309 4.59 -33.78 7.31
CA LEU B 309 4.75 -34.25 8.68
C LEU B 309 4.82 -35.75 8.91
N THR B 310 4.61 -36.57 7.87
CA THR B 310 4.62 -38.02 8.06
C THR B 310 5.37 -38.84 7.00
N ASP B 311 5.47 -40.14 7.27
CA ASP B 311 6.14 -41.09 6.38
C ASP B 311 5.14 -41.85 5.51
N TYR B 312 3.86 -41.53 5.68
CA TYR B 312 2.78 -42.17 4.94
C TYR B 312 2.95 -42.10 3.42
N SER B 313 2.67 -43.20 2.74
CA SER B 313 2.75 -43.26 1.28
C SER B 313 1.36 -43.59 0.73
N PRO B 314 0.97 -42.96 -0.40
CA PRO B 314 -0.34 -43.22 -1.00
C PRO B 314 -0.54 -44.71 -1.25
N GLN B 315 -1.76 -45.21 -1.03
CA GLN B 315 -2.01 -46.62 -1.31
C GLN B 315 -2.71 -46.75 -2.67
N LEU B 316 -3.43 -45.69 -3.05
CA LEU B 316 -4.12 -45.64 -4.31
C LEU B 316 -3.09 -45.75 -5.42
N GLN B 317 -3.52 -46.17 -6.61
CA GLN B 317 -2.62 -46.29 -7.75
C GLN B 317 -2.36 -44.88 -8.19
N LYS B 318 -1.14 -44.59 -8.60
CA LYS B 318 -0.79 -43.24 -9.02
C LYS B 318 -1.72 -42.79 -10.14
N PRO B 319 -2.29 -41.58 -10.03
CA PRO B 319 -3.19 -41.09 -11.08
C PRO B 319 -2.43 -40.69 -12.34
N LYS B 320 -3.18 -40.36 -13.38
CA LYS B 320 -2.62 -39.96 -14.66
C LYS B 320 -2.63 -38.44 -14.80
N PHE B 321 -1.43 -37.85 -14.84
CA PHE B 321 -1.33 -36.40 -14.96
C PHE B 321 -0.91 -35.97 -16.36
#